data_7L7X
#
_entry.id   7L7X
#
_cell.length_a   57.529
_cell.length_b   63.141
_cell.length_c   69.853
_cell.angle_alpha   81.747
_cell.angle_beta   78.593
_cell.angle_gamma   66.818
#
_symmetry.space_group_name_H-M   'P 1'
#
loop_
_entity.id
_entity.type
_entity.pdbx_description
1 polymer 'DegT/DnrJ/EryC1/StrS aminotransferase'
2 non-polymer "4'-DEOXY-4'-AMINOPYRIDOXAL-5'-PHOSPHATE"
3 non-polymer '[(2R,3R,4R,5S,6R)-3-acetamido-6-methyl-5-[(E)-[2-methyl-3-oxidanyl-5-(phosphonooxymethyl)pyridin-4-yl]methylideneamino]-4-oxidanyl-oxan-2-yl] [[(2R,3S,4R,5R)-5-[2,4-bis(oxidanylidene)pyrimidin-1-yl]-3,4-bis(oxidanyl)oxolan-2-yl]methoxy-oxidanyl-phosphoryl] hydrogen phosphate'
4 non-polymer 1,2-ETHANEDIOL
5 non-polymer 'TETRAMETHYLAMMONIUM ION'
6 non-polymer 'SODIUM ION'
7 water water
#
_entity_poly.entity_id   1
_entity_poly.type   'polypeptide(L)'
_entity_poly.pdbx_seq_one_letter_code
;GGGHMLNTPFSPWPSFTQIEADAVSRVLLSNQVNYWTGQECRQFETEFAEWADSKYAIAMGNGTLALDVALQALDIGAGD
EVIVTPRTFIASISSVVNIGATPVFSDVDEATGNITPESIAAVLTDKTKGIVCVHLAGWPCDMDGIMALADKHNLYVIED
CAQAHGATYKGRSVGSIGHIGAWSFCQDKIMTTGGEGGMVTTNDEQLWRKMWAYKDHGKSYAAVYETDHAPGYRWLHESF
GTNWRMTEMQAVLGRIQLKRMPDWTAKRTANAQTILDACAKWEAKGYLSVPRLEESVQFADSTHAYYKLYVYVQSDNLPK
EWSRDRIIREINDLGVPCFSGSASEVYLEKAFDNTGLRPENRLPVAKQLGETSLMFLVHPTLTEDEIKQTVQAIDGVFAN
IHNQ
;
_entity_poly.pdbx_strand_id   AAA,BBB
#
# COMPACT_ATOMS: atom_id res chain seq x y z
N PRO A 9 3.50 -32.79 3.34
CA PRO A 9 3.64 -31.62 2.40
C PRO A 9 5.12 -31.35 2.13
N PHE A 10 5.44 -30.75 0.98
CA PHE A 10 6.82 -30.34 0.65
C PHE A 10 7.25 -29.16 1.53
N SER A 11 8.56 -29.02 1.66
CA SER A 11 9.21 -27.90 2.36
C SER A 11 8.52 -26.60 1.96
N PRO A 12 8.29 -25.72 2.94
CA PRO A 12 7.49 -24.51 2.74
C PRO A 12 8.20 -23.45 1.88
N TRP A 13 7.40 -22.67 1.18
CA TRP A 13 7.81 -21.35 0.66
C TRP A 13 6.64 -20.40 0.82
N PRO A 14 6.81 -19.27 1.51
CA PRO A 14 8.09 -18.86 2.10
C PRO A 14 8.48 -19.69 3.32
N SER A 15 9.72 -19.51 3.75
CA SER A 15 10.30 -20.22 4.91
C SER A 15 11.22 -19.26 5.66
N PHE A 16 10.66 -18.52 6.59
CA PHE A 16 11.39 -17.46 7.32
C PHE A 16 12.29 -18.09 8.38
N THR A 17 13.48 -17.56 8.47
CA THR A 17 14.56 -18.06 9.34
C THR A 17 14.54 -17.31 10.67
N GLN A 18 15.18 -17.87 11.67
CA GLN A 18 15.38 -17.18 12.95
C GLN A 18 16.14 -15.86 12.72
N ILE A 19 17.13 -15.83 11.85
CA ILE A 19 17.88 -14.59 11.54
C ILE A 19 16.88 -13.50 11.11
N GLU A 20 15.95 -13.84 10.22
CA GLU A 20 14.92 -12.86 9.75
C GLU A 20 13.96 -12.47 10.88
N ALA A 21 13.51 -13.43 11.68
CA ALA A 21 12.62 -13.12 12.81
C ALA A 21 13.32 -12.18 13.78
N ASP A 22 14.58 -12.45 14.10
CA ASP A 22 15.36 -11.62 15.04
C ASP A 22 15.53 -10.22 14.46
N ALA A 23 15.74 -10.11 13.15
CA ALA A 23 15.90 -8.79 12.51
C ALA A 23 14.60 -7.97 12.61
N VAL A 24 13.44 -8.57 12.35
CA VAL A 24 12.18 -7.81 12.40
C VAL A 24 11.90 -7.42 13.85
N SER A 25 12.21 -8.31 14.81
CA SER A 25 12.05 -8.02 16.26
CA SER A 25 12.03 -8.01 16.25
C SER A 25 12.91 -6.81 16.64
N ARG A 26 14.15 -6.77 16.19
CA ARG A 26 15.10 -5.65 16.49
CA ARG A 26 15.08 -5.65 16.51
C ARG A 26 14.55 -4.36 15.88
N VAL A 27 14.08 -4.40 14.62
CA VAL A 27 13.51 -3.18 14.01
C VAL A 27 12.35 -2.69 14.87
N LEU A 28 11.44 -3.60 15.23
CA LEU A 28 10.23 -3.16 15.96
C LEU A 28 10.65 -2.52 17.29
N LEU A 29 11.52 -3.19 18.05
CA LEU A 29 11.85 -2.72 19.41
C LEU A 29 12.66 -1.42 19.32
N SER A 30 13.34 -1.15 18.22
CA SER A 30 14.04 0.14 18.00
C SER A 30 13.04 1.30 17.93
N ASN A 31 11.78 1.01 17.60
CA ASN A 31 10.72 2.01 17.36
C ASN A 31 10.98 2.79 16.06
N GLN A 32 12.03 2.48 15.34
CA GLN A 32 12.35 3.14 14.06
C GLN A 32 11.68 2.34 12.95
N VAL A 33 10.37 2.48 12.82
CA VAL A 33 9.54 1.48 12.07
C VAL A 33 9.08 2.01 10.71
N ASN A 34 9.27 3.28 10.45
CA ASN A 34 8.72 3.95 9.26
C ASN A 34 9.84 4.40 8.33
N TYR A 35 9.53 4.51 7.04
CA TYR A 35 10.41 5.07 6.00
C TYR A 35 11.06 6.38 6.46
N TRP A 36 10.36 7.16 7.28
CA TRP A 36 10.78 8.51 7.72
C TRP A 36 11.42 8.49 9.11
N THR A 37 11.50 7.33 9.77
CA THR A 37 12.07 7.26 11.15
C THR A 37 13.21 6.25 11.24
N GLY A 38 13.48 5.50 10.19
CA GLY A 38 14.61 4.55 10.12
C GLY A 38 15.30 4.58 8.78
N GLN A 39 16.32 3.76 8.63
CA GLN A 39 17.17 3.72 7.42
C GLN A 39 17.15 2.36 6.74
N GLU A 40 16.33 1.40 7.17
CA GLU A 40 16.35 0.07 6.52
C GLU A 40 15.83 0.22 5.07
N CYS A 41 14.69 0.88 4.87
CA CYS A 41 14.18 1.09 3.50
C CYS A 41 15.23 1.82 2.67
N ARG A 42 15.84 2.88 3.19
CA ARG A 42 16.78 3.68 2.36
C ARG A 42 17.98 2.80 1.97
N GLN A 43 18.50 1.99 2.88
CA GLN A 43 19.64 1.10 2.54
C GLN A 43 19.19 -0.01 1.59
N PHE A 44 17.98 -0.54 1.78
CA PHE A 44 17.43 -1.55 0.86
C PHE A 44 17.35 -0.96 -0.56
N GLU A 45 16.89 0.28 -0.68
CA GLU A 45 16.82 0.95 -2.00
C GLU A 45 18.22 0.96 -2.65
N THR A 46 19.26 1.40 -1.93
CA THR A 46 20.58 1.54 -2.57
CA THR A 46 20.64 1.53 -2.45
C THR A 46 21.15 0.15 -2.86
N GLU A 47 20.94 -0.83 -1.97
CA GLU A 47 21.47 -2.20 -2.19
C GLU A 47 20.71 -2.85 -3.36
N PHE A 48 19.40 -2.67 -3.43
CA PHE A 48 18.59 -3.26 -4.50
C PHE A 48 19.02 -2.67 -5.85
N ALA A 49 19.17 -1.35 -5.92
CA ALA A 49 19.58 -0.69 -7.16
C ALA A 49 20.88 -1.30 -7.64
N GLU A 50 21.87 -1.39 -6.76
CA GLU A 50 23.20 -1.95 -7.13
C GLU A 50 23.03 -3.39 -7.62
N TRP A 51 22.26 -4.20 -6.89
CA TRP A 51 22.06 -5.61 -7.23
C TRP A 51 21.39 -5.72 -8.62
N ALA A 52 20.45 -4.82 -8.91
CA ALA A 52 19.60 -4.89 -10.13
C ALA A 52 20.20 -4.05 -11.25
N ASP A 53 21.46 -3.65 -11.13
CA ASP A 53 22.18 -2.94 -12.24
C ASP A 53 21.45 -1.64 -12.60
N SER A 54 20.89 -0.93 -11.62
CA SER A 54 20.09 0.29 -11.85
C SER A 54 20.67 1.44 -11.04
N LYS A 55 20.55 2.65 -11.54
CA LYS A 55 21.05 3.84 -10.81
CA LYS A 55 21.06 3.85 -10.82
C LYS A 55 20.16 4.13 -9.60
N TYR A 56 18.86 3.87 -9.71
CA TYR A 56 17.87 4.27 -8.69
C TYR A 56 16.94 3.13 -8.36
N ALA A 57 16.54 3.05 -7.09
CA ALA A 57 15.46 2.15 -6.66
C ALA A 57 14.64 2.86 -5.58
N ILE A 58 13.35 2.54 -5.53
CA ILE A 58 12.41 3.08 -4.53
C ILE A 58 11.61 1.92 -3.96
N ALA A 59 11.61 1.81 -2.65
CA ALA A 59 10.83 0.78 -1.94
C ALA A 59 9.34 1.13 -2.00
N MET A 60 8.54 0.14 -2.32
CA MET A 60 7.08 0.28 -2.52
C MET A 60 6.31 -0.73 -1.67
N GLY A 61 5.02 -0.48 -1.47
CA GLY A 61 4.20 -1.35 -0.63
C GLY A 61 4.03 -2.72 -1.26
N ASN A 62 3.98 -2.83 -2.58
CA ASN A 62 3.75 -4.14 -3.26
C ASN A 62 4.02 -3.97 -4.74
N GLY A 63 3.99 -5.06 -5.49
CA GLY A 63 4.33 -5.03 -6.92
C GLY A 63 3.26 -4.37 -7.75
N THR A 64 2.04 -4.33 -7.28
CA THR A 64 0.93 -3.64 -7.97
C THR A 64 1.22 -2.14 -7.91
N LEU A 65 1.52 -1.62 -6.73
CA LEU A 65 1.83 -0.18 -6.56
C LEU A 65 3.10 0.16 -7.33
N ALA A 66 4.05 -0.75 -7.45
CA ALA A 66 5.26 -0.52 -8.29
C ALA A 66 4.83 -0.26 -9.74
N LEU A 67 3.93 -1.09 -10.29
CA LEU A 67 3.42 -0.85 -11.64
C LEU A 67 2.70 0.50 -11.68
N ASP A 68 1.84 0.74 -10.71
CA ASP A 68 1.03 1.98 -10.67
C ASP A 68 1.93 3.21 -10.68
N VAL A 69 2.99 3.21 -9.90
CA VAL A 69 3.83 4.44 -9.77
C VAL A 69 4.65 4.61 -11.07
N ALA A 70 5.05 3.51 -11.70
CA ALA A 70 5.78 3.59 -12.98
C ALA A 70 4.86 4.24 -14.02
N LEU A 71 3.61 3.79 -14.15
CA LEU A 71 2.66 4.39 -15.12
C LEU A 71 2.43 5.88 -14.81
N GLN A 72 2.34 6.26 -13.54
CA GLN A 72 2.19 7.67 -13.14
CA GLN A 72 2.17 7.69 -13.14
C GLN A 72 3.39 8.49 -13.64
N ALA A 73 4.59 8.03 -13.38
CA ALA A 73 5.80 8.80 -13.71
C ALA A 73 5.90 8.98 -15.23
N LEU A 74 5.42 8.01 -16.00
CA LEU A 74 5.50 8.06 -17.47
C LEU A 74 4.33 8.85 -18.08
N ASP A 75 3.46 9.42 -17.25
CA ASP A 75 2.36 10.29 -17.74
C ASP A 75 1.48 9.49 -18.71
N ILE A 76 1.23 8.24 -18.38
CA ILE A 76 0.32 7.38 -19.17
C ILE A 76 -1.08 7.50 -18.57
N GLY A 77 -2.09 7.79 -19.37
CA GLY A 77 -3.46 8.02 -18.89
C GLY A 77 -4.48 7.95 -19.99
N ALA A 78 -5.59 8.68 -19.83
CA ALA A 78 -6.75 8.64 -20.74
C ALA A 78 -6.26 8.80 -22.18
N GLY A 79 -6.69 7.87 -23.03
CA GLY A 79 -6.45 7.94 -24.49
C GLY A 79 -5.16 7.24 -24.88
N ASP A 80 -4.28 6.92 -23.93
CA ASP A 80 -3.01 6.22 -24.22
C ASP A 80 -3.27 4.73 -24.22
N GLU A 81 -2.78 4.03 -25.21
CA GLU A 81 -2.81 2.56 -25.24
C GLU A 81 -1.52 2.02 -24.65
N VAL A 82 -1.63 0.90 -23.94
CA VAL A 82 -0.45 0.21 -23.37
C VAL A 82 -0.56 -1.25 -23.74
N ILE A 83 0.49 -1.76 -24.35
CA ILE A 83 0.52 -3.21 -24.70
C ILE A 83 0.74 -3.99 -23.41
N VAL A 84 -0.08 -4.99 -23.22
CA VAL A 84 -0.05 -5.86 -22.02
C VAL A 84 -0.04 -7.31 -22.47
N THR A 85 0.29 -8.22 -21.55
CA THR A 85 0.22 -9.68 -21.79
C THR A 85 -1.07 -10.24 -21.19
N PRO A 86 -1.66 -11.25 -21.85
CA PRO A 86 -2.81 -11.96 -21.29
C PRO A 86 -2.40 -12.99 -20.26
N ARG A 87 -1.10 -13.33 -20.21
CA ARG A 87 -0.59 -14.48 -19.44
C ARG A 87 0.25 -13.95 -18.30
N THR A 88 -0.41 -13.65 -17.18
CA THR A 88 0.19 -12.94 -16.04
C THR A 88 -0.84 -12.97 -14.91
N PHE A 89 -0.50 -12.29 -13.83
CA PHE A 89 -1.45 -11.89 -12.77
C PHE A 89 -2.12 -10.58 -13.21
N ILE A 90 -3.40 -10.43 -12.87
CA ILE A 90 -4.25 -9.31 -13.37
C ILE A 90 -3.59 -7.94 -13.17
N ALA A 91 -2.79 -7.72 -12.11
CA ALA A 91 -2.18 -6.41 -11.83
C ALA A 91 -1.40 -5.86 -13.03
N SER A 92 -0.77 -6.73 -13.81
CA SER A 92 0.03 -6.31 -15.00
C SER A 92 -0.85 -5.61 -16.02
N ILE A 93 -2.17 -5.75 -15.90
CA ILE A 93 -3.19 -5.19 -16.84
C ILE A 93 -4.05 -4.15 -16.11
N SER A 94 -4.54 -4.47 -14.93
CA SER A 94 -5.44 -3.57 -14.22
C SER A 94 -4.74 -2.27 -13.77
N SER A 95 -3.43 -2.30 -13.52
N SER A 95 -3.43 -2.30 -13.54
CA SER A 95 -2.65 -1.06 -13.28
CA SER A 95 -2.69 -1.04 -13.27
C SER A 95 -2.91 -0.08 -14.44
C SER A 95 -2.86 -0.06 -14.44
N VAL A 96 -2.88 -0.57 -15.67
CA VAL A 96 -3.12 0.29 -16.86
C VAL A 96 -4.55 0.84 -16.83
N VAL A 97 -5.53 -0.03 -16.59
CA VAL A 97 -6.95 0.39 -16.52
C VAL A 97 -7.12 1.45 -15.42
N ASN A 98 -6.49 1.23 -14.25
CA ASN A 98 -6.80 2.08 -13.07
C ASN A 98 -6.28 3.50 -13.26
N ILE A 99 -5.22 3.70 -14.04
CA ILE A 99 -4.69 5.06 -14.30
C ILE A 99 -5.47 5.72 -15.45
N GLY A 100 -6.40 5.00 -16.08
CA GLY A 100 -7.28 5.57 -17.11
C GLY A 100 -6.83 5.23 -18.51
N ALA A 101 -5.74 4.50 -18.67
CA ALA A 101 -5.22 4.12 -20.01
C ALA A 101 -5.92 2.88 -20.51
N THR A 102 -5.67 2.54 -21.76
CA THR A 102 -6.34 1.44 -22.47
C THR A 102 -5.37 0.30 -22.66
N PRO A 103 -5.51 -0.83 -21.94
CA PRO A 103 -4.66 -1.99 -22.18
C PRO A 103 -5.05 -2.62 -23.52
N VAL A 104 -4.04 -3.07 -24.25
CA VAL A 104 -4.20 -3.75 -25.56
C VAL A 104 -3.36 -5.02 -25.48
N PHE A 105 -3.99 -6.18 -25.65
CA PHE A 105 -3.33 -7.48 -25.44
C PHE A 105 -2.52 -7.89 -26.65
N SER A 106 -1.28 -8.30 -26.42
CA SER A 106 -0.39 -9.01 -27.39
C SER A 106 -0.45 -10.51 -27.10
N ASP A 107 -0.39 -11.34 -28.13
CA ASP A 107 -0.19 -12.79 -27.91
C ASP A 107 1.23 -13.04 -27.41
N VAL A 108 1.47 -14.28 -27.01
CA VAL A 108 2.72 -14.69 -26.32
C VAL A 108 3.46 -15.73 -27.14
N ASP A 109 4.72 -15.89 -26.78
CA ASP A 109 5.61 -16.92 -27.35
CA ASP A 109 5.68 -16.90 -27.27
C ASP A 109 5.24 -18.30 -26.85
N GLU A 110 5.18 -19.25 -27.76
CA GLU A 110 4.73 -20.62 -27.45
C GLU A 110 5.72 -21.35 -26.55
N ALA A 111 7.00 -20.97 -26.56
CA ALA A 111 8.06 -21.60 -25.72
C ALA A 111 8.20 -20.89 -24.37
N THR A 112 8.09 -19.55 -24.34
CA THR A 112 8.50 -18.78 -23.14
C THR A 112 7.29 -18.24 -22.40
N GLY A 113 6.12 -18.12 -23.04
CA GLY A 113 4.91 -17.56 -22.44
C GLY A 113 4.95 -16.04 -22.31
N ASN A 114 5.93 -15.37 -22.93
CA ASN A 114 6.08 -13.89 -22.86
C ASN A 114 5.58 -13.21 -24.13
N ILE A 115 5.13 -11.98 -24.02
CA ILE A 115 4.84 -11.19 -25.24
C ILE A 115 6.14 -11.01 -26.02
N THR A 116 6.01 -10.98 -27.34
CA THR A 116 7.16 -10.95 -28.27
C THR A 116 7.11 -9.67 -29.09
N PRO A 117 8.26 -9.23 -29.61
CA PRO A 117 8.26 -8.12 -30.57
C PRO A 117 7.24 -8.29 -31.71
N GLU A 118 7.17 -9.47 -32.31
CA GLU A 118 6.24 -9.73 -33.43
C GLU A 118 4.79 -9.52 -32.96
N SER A 119 4.40 -10.09 -31.82
CA SER A 119 2.98 -10.04 -31.38
C SER A 119 2.66 -8.64 -30.87
N ILE A 120 3.63 -7.93 -30.33
CA ILE A 120 3.44 -6.52 -29.89
C ILE A 120 3.22 -5.66 -31.14
N ALA A 121 4.10 -5.80 -32.13
CA ALA A 121 4.01 -4.96 -33.35
C ALA A 121 2.61 -5.10 -33.98
N ALA A 122 2.03 -6.29 -33.96
CA ALA A 122 0.72 -6.59 -34.57
C ALA A 122 -0.41 -5.76 -33.95
N VAL A 123 -0.22 -5.22 -32.73
CA VAL A 123 -1.32 -4.50 -32.03
C VAL A 123 -0.91 -3.06 -31.72
N LEU A 124 0.23 -2.60 -32.21
CA LEU A 124 0.60 -1.18 -32.06
C LEU A 124 -0.36 -0.29 -32.86
N THR A 125 -0.64 0.89 -32.31
CA THR A 125 -1.33 1.99 -33.02
C THR A 125 -0.61 3.30 -32.73
N ASP A 126 -1.03 4.40 -33.36
CA ASP A 126 -0.39 5.69 -33.09
C ASP A 126 -0.67 6.12 -31.65
N LYS A 127 -1.72 5.57 -31.04
CA LYS A 127 -2.09 5.89 -29.63
C LYS A 127 -1.32 5.03 -28.62
N THR A 128 -0.59 4.01 -29.04
CA THR A 128 0.26 3.25 -28.11
C THR A 128 1.29 4.20 -27.53
N LYS A 129 1.45 4.16 -26.21
CA LYS A 129 2.49 4.98 -25.51
C LYS A 129 3.44 4.09 -24.71
N GLY A 130 3.00 2.89 -24.34
CA GLY A 130 3.78 2.05 -23.44
C GLY A 130 3.62 0.59 -23.73
N ILE A 131 4.53 -0.20 -23.16
CA ILE A 131 4.49 -1.68 -23.12
C ILE A 131 4.78 -2.08 -21.68
N VAL A 132 3.94 -2.93 -21.10
CA VAL A 132 4.22 -3.60 -19.80
C VAL A 132 4.55 -5.06 -20.13
N CYS A 133 5.84 -5.35 -20.22
CA CYS A 133 6.28 -6.71 -20.54
C CYS A 133 6.58 -7.47 -19.26
N VAL A 134 6.05 -8.67 -19.17
CA VAL A 134 6.22 -9.53 -17.99
C VAL A 134 7.30 -10.56 -18.31
N HIS A 135 8.26 -10.72 -17.42
CA HIS A 135 9.22 -11.84 -17.51
C HIS A 135 8.60 -13.05 -16.83
N LEU A 136 7.72 -13.75 -17.52
CA LEU A 136 6.84 -14.72 -16.83
C LEU A 136 7.65 -15.90 -16.28
N ALA A 137 7.42 -16.22 -15.02
CA ALA A 137 8.04 -17.36 -14.31
C ALA A 137 9.54 -17.14 -14.13
N GLY A 138 10.09 -16.03 -14.62
CA GLY A 138 11.53 -15.78 -14.55
C GLY A 138 12.23 -15.89 -15.90
N TRP A 139 11.51 -16.22 -16.97
CA TRP A 139 12.12 -16.22 -18.32
C TRP A 139 12.11 -14.80 -18.85
N PRO A 140 13.27 -14.18 -19.16
CA PRO A 140 13.28 -12.80 -19.65
C PRO A 140 12.65 -12.69 -21.04
N CYS A 141 11.89 -11.63 -21.25
CA CYS A 141 11.42 -11.23 -22.62
C CYS A 141 12.63 -10.96 -23.52
N ASP A 142 12.39 -10.97 -24.82
CA ASP A 142 13.35 -10.49 -25.85
C ASP A 142 13.51 -8.97 -25.73
N MET A 143 14.39 -8.51 -24.85
CA MET A 143 14.48 -7.08 -24.54
C MET A 143 15.17 -6.33 -25.68
N ASP A 144 16.08 -6.96 -26.41
CA ASP A 144 16.69 -6.26 -27.58
C ASP A 144 15.56 -5.92 -28.55
N GLY A 145 14.71 -6.89 -28.87
CA GLY A 145 13.58 -6.71 -29.78
C GLY A 145 12.57 -5.70 -29.27
N ILE A 146 12.21 -5.81 -28.00
CA ILE A 146 11.18 -4.92 -27.42
C ILE A 146 11.73 -3.48 -27.39
N MET A 147 12.95 -3.29 -26.96
CA MET A 147 13.50 -1.91 -26.86
C MET A 147 13.69 -1.33 -28.26
N ALA A 148 14.04 -2.16 -29.26
CA ALA A 148 14.20 -1.66 -30.65
C ALA A 148 12.85 -1.17 -31.14
N LEU A 149 11.82 -1.96 -30.91
CA LEU A 149 10.45 -1.64 -31.29
C LEU A 149 10.00 -0.37 -30.57
N ALA A 150 10.28 -0.23 -29.27
CA ALA A 150 9.91 0.95 -28.48
C ALA A 150 10.61 2.19 -29.04
N ASP A 151 11.88 2.06 -29.44
CA ASP A 151 12.63 3.19 -30.02
C ASP A 151 11.95 3.65 -31.32
N LYS A 152 11.61 2.73 -32.20
CA LYS A 152 11.04 3.11 -33.52
C LYS A 152 9.65 3.72 -33.37
N HIS A 153 8.87 3.33 -32.37
CA HIS A 153 7.48 3.78 -32.18
C HIS A 153 7.38 4.83 -31.05
N ASN A 154 8.51 5.24 -30.48
CA ASN A 154 8.51 6.28 -29.42
C ASN A 154 7.66 5.82 -28.21
N LEU A 155 7.93 4.62 -27.74
CA LEU A 155 7.18 4.00 -26.62
C LEU A 155 8.05 3.91 -25.38
N TYR A 156 7.39 3.88 -24.24
CA TYR A 156 7.98 3.62 -22.92
CA TYR A 156 8.02 3.62 -22.94
C TYR A 156 7.80 2.16 -22.56
N VAL A 157 8.80 1.57 -21.93
CA VAL A 157 8.74 0.14 -21.55
C VAL A 157 8.85 0.06 -20.03
N ILE A 158 7.89 -0.64 -19.44
CA ILE A 158 7.94 -1.07 -18.03
C ILE A 158 8.16 -2.57 -18.01
N GLU A 159 9.25 -3.02 -17.38
CA GLU A 159 9.48 -4.46 -17.16
C GLU A 159 8.79 -4.87 -15.86
N ASP A 160 7.83 -5.78 -15.94
CA ASP A 160 7.21 -6.37 -14.74
C ASP A 160 8.08 -7.56 -14.33
N CYS A 161 8.87 -7.35 -13.27
CA CYS A 161 9.90 -8.29 -12.78
C CYS A 161 9.39 -9.06 -11.54
N ALA A 162 8.09 -9.07 -11.29
CA ALA A 162 7.52 -9.71 -10.08
C ALA A 162 7.88 -11.19 -9.98
N GLN A 163 8.08 -11.87 -11.08
CA GLN A 163 8.39 -13.32 -11.12
C GLN A 163 9.87 -13.56 -11.51
N ALA A 164 10.76 -12.57 -11.41
CA ALA A 164 12.03 -12.65 -12.17
C ALA A 164 13.25 -12.18 -11.39
N HIS A 165 13.21 -12.17 -10.06
CA HIS A 165 14.39 -11.84 -9.24
C HIS A 165 15.51 -12.81 -9.59
N GLY A 166 16.66 -12.30 -10.03
CA GLY A 166 17.81 -13.14 -10.41
C GLY A 166 17.90 -13.35 -11.91
N ALA A 167 16.84 -13.08 -12.67
CA ALA A 167 16.89 -13.22 -14.14
C ALA A 167 17.84 -12.15 -14.71
N THR A 168 18.55 -12.52 -15.76
CA THR A 168 19.42 -11.59 -16.52
C THR A 168 19.12 -11.73 -18.00
N TYR A 169 19.36 -10.65 -18.74
CA TYR A 169 19.20 -10.63 -20.19
C TYR A 169 20.48 -10.08 -20.78
N LYS A 170 21.22 -10.97 -21.47
CA LYS A 170 22.50 -10.61 -22.12
C LYS A 170 23.36 -9.78 -21.16
N GLY A 171 23.57 -10.28 -19.94
CA GLY A 171 24.60 -9.82 -18.98
C GLY A 171 24.07 -8.84 -17.94
N ARG A 172 22.81 -8.40 -18.08
CA ARG A 172 22.22 -7.31 -17.26
C ARG A 172 21.03 -7.87 -16.47
N SER A 173 20.84 -7.41 -15.25
CA SER A 173 19.62 -7.72 -14.47
C SER A 173 18.37 -7.31 -15.26
N VAL A 174 17.37 -8.15 -15.25
CA VAL A 174 16.01 -7.64 -15.59
C VAL A 174 15.70 -6.43 -14.70
N GLY A 175 14.89 -5.53 -15.21
CA GLY A 175 14.44 -4.36 -14.47
C GLY A 175 15.33 -3.16 -14.71
N SER A 176 16.47 -3.36 -15.39
CA SER A 176 17.47 -2.30 -15.66
C SER A 176 17.44 -1.87 -17.13
N ILE A 177 16.61 -2.49 -17.96
CA ILE A 177 16.69 -2.35 -19.44
C ILE A 177 15.57 -1.43 -19.94
N GLY A 178 14.34 -1.68 -19.52
CA GLY A 178 13.23 -0.77 -19.81
C GLY A 178 13.38 0.57 -19.11
N HIS A 179 12.48 1.51 -19.37
CA HIS A 179 12.51 2.80 -18.70
C HIS A 179 12.41 2.60 -17.18
N ILE A 180 11.54 1.69 -16.74
CA ILE A 180 11.29 1.40 -15.30
C ILE A 180 11.09 -0.10 -15.14
N GLY A 181 11.65 -0.65 -14.07
CA GLY A 181 11.36 -2.01 -13.59
C GLY A 181 10.42 -1.97 -12.41
N ALA A 182 9.40 -2.81 -12.42
CA ALA A 182 8.45 -2.97 -11.30
C ALA A 182 8.66 -4.35 -10.68
N TRP A 183 8.71 -4.40 -9.35
CA TRP A 183 9.03 -5.63 -8.62
C TRP A 183 7.99 -5.88 -7.53
N SER A 184 7.71 -7.14 -7.28
CA SER A 184 6.92 -7.67 -6.17
C SER A 184 7.83 -8.47 -5.26
N PHE A 185 7.54 -8.41 -3.96
CA PHE A 185 8.08 -9.35 -2.95
C PHE A 185 6.92 -9.93 -2.18
N CYS A 186 5.85 -10.29 -2.88
CA CYS A 186 4.69 -10.92 -2.24
C CYS A 186 5.07 -12.34 -1.77
N GLN A 187 4.13 -12.93 -1.02
CA GLN A 187 4.47 -13.99 -0.05
C GLN A 187 5.21 -15.17 -0.67
N ASP A 188 4.89 -15.62 -1.88
CA ASP A 188 5.60 -16.82 -2.43
C ASP A 188 6.65 -16.42 -3.49
N LYS A 189 6.95 -15.14 -3.62
CA LYS A 189 7.88 -14.71 -4.71
CA LYS A 189 7.89 -14.67 -4.68
C LYS A 189 9.33 -15.07 -4.35
N ILE A 190 10.23 -14.91 -5.29
CA ILE A 190 11.64 -15.34 -5.12
C ILE A 190 12.28 -14.57 -3.97
N MET A 191 11.95 -13.30 -3.84
CA MET A 191 12.19 -12.51 -2.60
C MET A 191 10.83 -12.20 -2.01
N THR A 192 10.72 -12.28 -0.69
CA THR A 192 9.42 -12.30 0.00
C THR A 192 9.58 -11.52 1.30
N THR A 193 9.21 -10.25 1.30
CA THR A 193 9.49 -9.34 2.42
C THR A 193 8.39 -9.39 3.49
N GLY A 194 8.10 -10.59 4.00
CA GLY A 194 7.25 -10.73 5.19
C GLY A 194 5.77 -10.49 4.94
N GLY A 195 5.31 -10.74 3.72
CA GLY A 195 3.88 -10.85 3.38
C GLY A 195 3.51 -10.01 2.17
N GLU A 196 4.08 -8.81 2.09
CA GLU A 196 3.92 -7.90 0.94
C GLU A 196 5.24 -7.18 0.73
N GLY A 197 5.44 -6.64 -0.47
CA GLY A 197 6.49 -5.64 -0.69
C GLY A 197 6.69 -5.40 -2.15
N GLY A 198 7.32 -4.28 -2.48
CA GLY A 198 7.63 -3.99 -3.88
C GLY A 198 8.80 -3.07 -4.01
N MET A 199 9.10 -2.75 -5.26
CA MET A 199 10.23 -1.88 -5.59
C MET A 199 10.04 -1.40 -7.00
N VAL A 200 10.55 -0.22 -7.30
CA VAL A 200 10.81 0.19 -8.71
C VAL A 200 12.30 0.44 -8.88
N THR A 201 12.78 0.18 -10.07
CA THR A 201 14.15 0.50 -10.49
C THR A 201 14.09 1.35 -11.75
N THR A 202 15.03 2.27 -11.88
CA THR A 202 15.15 3.09 -13.11
C THR A 202 16.57 3.62 -13.19
N ASN A 203 16.96 4.00 -14.41
CA ASN A 203 18.23 4.69 -14.64
C ASN A 203 17.99 6.18 -14.84
N ASP A 204 16.73 6.63 -14.86
CA ASP A 204 16.39 8.02 -15.25
CA ASP A 204 16.36 8.01 -15.26
C ASP A 204 16.10 8.84 -14.00
N GLU A 205 16.91 9.85 -13.74
CA GLU A 205 16.77 10.67 -12.51
C GLU A 205 15.37 11.31 -12.43
N GLN A 206 14.80 11.82 -13.52
CA GLN A 206 13.51 12.50 -13.47
C GLN A 206 12.40 11.50 -13.16
N LEU A 207 12.46 10.30 -13.74
CA LEU A 207 11.45 9.26 -13.42
C LEU A 207 11.59 8.88 -11.94
N TRP A 208 12.81 8.75 -11.45
CA TRP A 208 13.06 8.45 -10.03
C TRP A 208 12.44 9.56 -9.17
N ARG A 209 12.72 10.82 -9.46
CA ARG A 209 12.17 11.93 -8.62
C ARG A 209 10.64 11.87 -8.65
N LYS A 210 10.03 11.60 -9.80
CA LYS A 210 8.55 11.60 -9.91
CA LYS A 210 8.56 11.60 -9.92
C LYS A 210 7.98 10.44 -9.09
N MET A 211 8.54 9.26 -9.22
CA MET A 211 7.99 8.10 -8.47
C MET A 211 8.23 8.30 -6.98
N TRP A 212 9.39 8.83 -6.57
CA TRP A 212 9.70 9.02 -5.15
C TRP A 212 8.68 9.95 -4.51
N ALA A 213 8.33 11.05 -5.16
CA ALA A 213 7.32 11.99 -4.69
C ALA A 213 5.93 11.31 -4.65
N TYR A 214 5.57 10.57 -5.69
CA TYR A 214 4.17 10.15 -5.84
C TYR A 214 3.86 9.18 -4.72
N LYS A 215 4.81 8.33 -4.33
CA LYS A 215 4.56 7.31 -3.26
C LYS A 215 4.57 7.95 -1.87
N ASP A 216 4.85 9.26 -1.77
CA ASP A 216 5.05 9.99 -0.50
C ASP A 216 4.28 11.30 -0.54
N HIS A 217 3.03 11.23 -0.96
CA HIS A 217 2.06 12.36 -0.89
C HIS A 217 2.52 13.57 -1.70
N GLY A 218 3.40 13.40 -2.66
CA GLY A 218 3.88 14.51 -3.49
C GLY A 218 5.00 15.29 -2.83
N LYS A 219 5.60 14.75 -1.78
CA LYS A 219 6.83 15.38 -1.24
C LYS A 219 7.89 15.40 -2.33
N SER A 220 8.38 16.59 -2.62
CA SER A 220 9.48 16.78 -3.58
C SER A 220 10.78 16.31 -2.93
N TYR A 221 11.54 15.44 -3.58
CA TYR A 221 12.88 15.08 -3.08
C TYR A 221 13.71 16.35 -2.91
N ALA A 222 13.62 17.24 -3.88
CA ALA A 222 14.34 18.54 -3.84
C ALA A 222 13.92 19.35 -2.60
N ALA A 223 12.62 19.43 -2.32
CA ALA A 223 12.13 20.21 -1.16
C ALA A 223 12.65 19.56 0.12
N VAL A 224 12.65 18.23 0.19
CA VAL A 224 13.06 17.55 1.44
C VAL A 224 14.58 17.66 1.66
N TYR A 225 15.40 17.38 0.65
CA TYR A 225 16.84 17.10 0.81
C TYR A 225 17.72 18.16 0.14
N GLU A 226 17.20 19.02 -0.72
CA GLU A 226 18.05 19.92 -1.55
C GLU A 226 17.65 21.37 -1.32
N THR A 227 17.02 21.63 -0.17
CA THR A 227 16.46 22.96 0.21
C THR A 227 16.82 23.23 1.68
N ASP A 228 17.32 24.44 2.00
CA ASP A 228 17.63 24.84 3.40
C ASP A 228 16.32 25.32 4.05
N HIS A 229 15.95 24.74 5.19
CA HIS A 229 14.61 24.94 5.83
C HIS A 229 14.74 25.84 7.06
N ALA A 230 13.93 26.91 7.10
CA ALA A 230 13.65 27.72 8.30
C ALA A 230 13.06 26.83 9.38
N PRO A 231 13.21 27.20 10.67
CA PRO A 231 12.61 26.43 11.77
C PRO A 231 11.09 26.34 11.57
N GLY A 232 10.49 25.27 12.11
CA GLY A 232 9.04 25.06 12.13
C GLY A 232 8.54 24.32 10.90
N TYR A 233 7.26 24.52 10.57
CA TYR A 233 6.54 23.76 9.52
C TYR A 233 7.28 23.87 8.18
N ARG A 234 7.53 22.73 7.54
CA ARG A 234 8.18 22.71 6.20
C ARG A 234 7.12 22.43 5.12
N TRP A 235 7.11 23.25 4.07
CA TRP A 235 6.23 23.10 2.87
C TRP A 235 6.92 22.19 1.84
N LEU A 236 6.43 20.96 1.71
CA LEU A 236 7.15 19.90 0.97
C LEU A 236 6.31 19.38 -0.21
N HIS A 237 4.99 19.53 -0.18
CA HIS A 237 4.08 18.80 -1.10
C HIS A 237 3.87 19.64 -2.35
N GLU A 238 4.77 19.49 -3.33
CA GLU A 238 4.81 20.35 -4.53
C GLU A 238 3.99 19.75 -5.66
N SER A 239 3.48 18.55 -5.47
CA SER A 239 2.57 17.88 -6.43
C SER A 239 1.68 16.97 -5.61
N PHE A 240 0.66 16.39 -6.23
CA PHE A 240 -0.22 15.43 -5.53
C PHE A 240 0.38 14.03 -5.60
N GLY A 241 0.19 13.27 -4.53
CA GLY A 241 0.61 11.87 -4.44
C GLY A 241 -0.17 11.16 -3.39
N THR A 242 0.35 10.02 -2.97
CA THR A 242 -0.40 9.06 -2.15
C THR A 242 0.59 8.38 -1.20
N ASN A 243 0.13 7.38 -0.46
CA ASN A 243 1.02 6.61 0.45
C ASN A 243 1.16 5.20 -0.11
N TRP A 244 2.26 4.95 -0.81
CA TRP A 244 2.56 3.61 -1.35
C TRP A 244 3.88 3.11 -0.77
N ARG A 245 4.14 3.46 0.49
CA ARG A 245 5.44 3.13 1.14
C ARG A 245 5.48 1.70 1.68
N MET A 246 6.72 1.23 1.86
CA MET A 246 7.11 0.00 2.57
C MET A 246 7.43 0.34 4.04
N THR A 247 7.25 -0.61 4.94
CA THR A 247 7.72 -0.52 6.35
C THR A 247 9.19 -0.94 6.48
N GLU A 248 9.79 -0.52 7.57
CA GLU A 248 11.18 -0.90 7.92
C GLU A 248 11.28 -2.42 8.16
N MET A 249 10.28 -3.05 8.74
CA MET A 249 10.35 -4.51 8.98
C MET A 249 10.40 -5.26 7.64
N GLN A 250 9.66 -4.80 6.65
CA GLN A 250 9.69 -5.43 5.31
C GLN A 250 11.09 -5.23 4.71
N ALA A 251 11.62 -4.01 4.83
CA ALA A 251 12.91 -3.67 4.22
C ALA A 251 14.04 -4.51 4.80
N VAL A 252 14.07 -4.75 6.11
CA VAL A 252 15.23 -5.49 6.67
C VAL A 252 15.19 -6.92 6.12
N LEU A 253 14.00 -7.49 5.91
CA LEU A 253 13.90 -8.82 5.27
C LEU A 253 14.47 -8.77 3.86
N GLY A 254 14.11 -7.74 3.10
CA GLY A 254 14.64 -7.56 1.73
C GLY A 254 16.16 -7.52 1.73
N ARG A 255 16.74 -6.79 2.66
CA ARG A 255 18.21 -6.63 2.70
C ARG A 255 18.86 -7.98 2.98
N ILE A 256 18.31 -8.75 3.91
CA ILE A 256 18.82 -10.11 4.23
C ILE A 256 18.73 -10.98 2.98
N GLN A 257 17.58 -10.94 2.29
CA GLN A 257 17.33 -11.87 1.19
C GLN A 257 18.20 -11.50 -0.02
N LEU A 258 18.50 -10.23 -0.23
CA LEU A 258 19.42 -9.85 -1.33
C LEU A 258 20.73 -10.63 -1.22
N LYS A 259 21.25 -10.79 -0.01
CA LYS A 259 22.55 -11.46 0.22
C LYS A 259 22.42 -12.95 -0.07
N ARG A 260 21.21 -13.51 0.04
CA ARG A 260 20.93 -14.94 -0.23
C ARG A 260 20.66 -15.18 -1.73
N MET A 261 20.48 -14.15 -2.53
CA MET A 261 19.99 -14.36 -3.91
C MET A 261 20.95 -15.23 -4.71
N PRO A 262 22.30 -15.09 -4.65
CA PRO A 262 23.15 -16.02 -5.40
C PRO A 262 22.82 -17.49 -5.10
N ASP A 263 22.67 -17.82 -3.83
CA ASP A 263 22.37 -19.17 -3.35
C ASP A 263 20.98 -19.58 -3.83
N TRP A 264 20.01 -18.68 -3.65
CA TRP A 264 18.60 -18.98 -3.97
C TRP A 264 18.44 -19.22 -5.47
N THR A 265 19.07 -18.40 -6.29
CA THR A 265 19.02 -18.58 -7.75
C THR A 265 19.71 -19.91 -8.09
N ALA A 266 20.86 -20.19 -7.48
CA ALA A 266 21.58 -21.44 -7.79
C ALA A 266 20.70 -22.64 -7.43
N LYS A 267 20.02 -22.63 -6.30
CA LYS A 267 19.18 -23.77 -5.85
C LYS A 267 17.95 -23.91 -6.75
N ARG A 268 17.28 -22.80 -7.06
CA ARG A 268 16.12 -22.87 -7.99
C ARG A 268 16.57 -23.44 -9.33
N THR A 269 17.74 -23.00 -9.80
CA THR A 269 18.26 -23.43 -11.11
C THR A 269 18.56 -24.94 -11.04
N ALA A 270 19.20 -25.41 -9.99
CA ALA A 270 19.55 -26.84 -9.87
C ALA A 270 18.27 -27.68 -9.83
N ASN A 271 17.27 -27.22 -9.07
CA ASN A 271 15.98 -27.91 -8.96
C ASN A 271 15.32 -27.97 -10.33
N ALA A 272 15.28 -26.85 -11.04
CA ALA A 272 14.65 -26.78 -12.37
C ALA A 272 15.37 -27.73 -13.33
N GLN A 273 16.70 -27.74 -13.32
CA GLN A 273 17.54 -28.55 -14.25
CA GLN A 273 17.44 -28.53 -14.33
C GLN A 273 17.23 -30.02 -14.05
N THR A 274 17.10 -30.45 -12.79
CA THR A 274 16.82 -31.88 -12.48
C THR A 274 15.44 -32.24 -13.04
N ILE A 275 14.45 -31.38 -12.85
CA ILE A 275 13.08 -31.68 -13.36
C ILE A 275 13.08 -31.63 -14.89
N LEU A 276 13.63 -30.60 -15.51
CA LEU A 276 13.66 -30.50 -16.98
C LEU A 276 14.37 -31.73 -17.57
N ASP A 277 15.48 -32.15 -16.96
CA ASP A 277 16.22 -33.33 -17.46
C ASP A 277 15.29 -34.55 -17.45
N ALA A 278 14.52 -34.77 -16.40
CA ALA A 278 13.64 -35.94 -16.29
C ALA A 278 12.54 -35.87 -17.36
N CYS A 279 12.11 -34.66 -17.70
CA CYS A 279 11.04 -34.44 -18.69
C CYS A 279 11.56 -34.75 -20.10
N ALA A 280 12.88 -34.76 -20.35
CA ALA A 280 13.47 -34.96 -21.71
C ALA A 280 12.94 -36.23 -22.33
N LYS A 281 12.97 -37.36 -21.63
CA LYS A 281 12.59 -38.67 -22.22
C LYS A 281 11.13 -38.60 -22.66
N TRP A 282 10.27 -37.87 -21.94
CA TRP A 282 8.82 -37.83 -22.27
C TRP A 282 8.59 -36.85 -23.42
N GLU A 283 9.43 -35.83 -23.55
CA GLU A 283 9.45 -34.99 -24.77
C GLU A 283 9.86 -35.85 -25.97
N ALA A 284 10.89 -36.68 -25.82
CA ALA A 284 11.32 -37.59 -26.91
C ALA A 284 10.16 -38.48 -27.35
N LYS A 285 9.35 -38.96 -26.40
CA LYS A 285 8.18 -39.84 -26.68
C LYS A 285 6.97 -39.04 -27.19
N GLY A 286 7.04 -37.69 -27.20
CA GLY A 286 6.01 -36.84 -27.81
C GLY A 286 4.96 -36.32 -26.84
N TYR A 287 5.08 -36.57 -25.53
CA TYR A 287 4.00 -36.23 -24.58
C TYR A 287 4.17 -34.81 -24.01
N LEU A 288 5.40 -34.32 -24.00
CA LEU A 288 5.75 -33.01 -23.39
C LEU A 288 6.51 -32.19 -24.40
N SER A 289 6.40 -30.90 -24.25
CA SER A 289 7.32 -29.91 -24.84
C SER A 289 8.03 -29.26 -23.69
N VAL A 290 9.35 -29.24 -23.75
CA VAL A 290 10.21 -28.86 -22.60
C VAL A 290 11.18 -27.78 -23.04
N PRO A 291 10.71 -26.52 -23.22
CA PRO A 291 11.61 -25.43 -23.59
C PRO A 291 12.63 -25.17 -22.47
N ARG A 292 13.89 -24.98 -22.82
CA ARG A 292 14.97 -24.75 -21.84
C ARG A 292 15.73 -23.50 -22.25
N LEU A 293 15.71 -22.47 -21.41
CA LEU A 293 16.33 -21.17 -21.76
C LEU A 293 17.81 -21.37 -22.11
N GLU A 294 18.51 -22.23 -21.35
CA GLU A 294 19.97 -22.43 -21.45
C GLU A 294 20.32 -23.09 -22.79
N GLU A 295 19.31 -23.66 -23.49
CA GLU A 295 19.48 -24.29 -24.83
C GLU A 295 18.95 -23.39 -25.95
N SER A 296 18.35 -22.26 -25.62
CA SER A 296 17.72 -21.37 -26.61
C SER A 296 18.79 -20.45 -27.20
N VAL A 297 18.93 -20.41 -28.53
CA VAL A 297 19.96 -19.57 -29.19
C VAL A 297 19.62 -18.09 -28.95
N GLN A 298 18.33 -17.73 -28.83
CA GLN A 298 17.89 -16.32 -28.62
C GLN A 298 18.23 -15.82 -27.21
N PHE A 299 18.49 -16.70 -26.26
CA PHE A 299 18.62 -16.34 -24.82
C PHE A 299 20.01 -16.76 -24.32
N ALA A 300 21.00 -16.67 -25.21
CA ALA A 300 22.44 -16.79 -24.86
C ALA A 300 22.84 -15.64 -23.94
N ASP A 301 23.71 -15.92 -22.99
CA ASP A 301 24.21 -14.94 -22.01
C ASP A 301 23.01 -14.38 -21.23
N SER A 302 21.88 -15.10 -21.19
CA SER A 302 20.72 -14.76 -20.32
C SER A 302 20.51 -15.87 -19.29
N THR A 303 19.76 -15.57 -18.24
CA THR A 303 19.50 -16.56 -17.19
C THR A 303 18.06 -16.44 -16.73
N HIS A 304 17.49 -17.60 -16.43
CA HIS A 304 16.10 -17.74 -15.93
C HIS A 304 16.10 -17.59 -14.42
N ALA A 305 15.14 -16.84 -13.86
CA ALA A 305 15.02 -16.71 -12.40
C ALA A 305 14.41 -17.94 -11.77
N TYR A 306 13.64 -18.71 -12.52
CA TYR A 306 12.99 -19.93 -11.98
C TYR A 306 12.14 -19.60 -10.75
N TYR A 307 11.20 -18.67 -10.89
CA TYR A 307 10.11 -18.52 -9.91
C TYR A 307 9.32 -19.84 -9.83
N LYS A 308 8.93 -20.35 -10.98
CA LYS A 308 8.16 -21.60 -11.14
C LYS A 308 8.70 -22.30 -12.37
N LEU A 309 8.50 -23.60 -12.46
CA LEU A 309 9.03 -24.41 -13.59
CA LEU A 309 9.02 -24.41 -13.59
C LEU A 309 7.86 -24.89 -14.45
N TYR A 310 7.84 -24.46 -15.71
CA TYR A 310 6.80 -24.88 -16.69
C TYR A 310 7.35 -25.90 -17.67
N VAL A 311 6.54 -26.92 -17.92
CA VAL A 311 6.60 -27.73 -19.16
C VAL A 311 5.18 -27.76 -19.71
N TYR A 312 5.01 -28.34 -20.90
CA TYR A 312 3.72 -28.25 -21.62
C TYR A 312 3.39 -29.61 -22.19
N VAL A 313 2.17 -30.05 -21.98
CA VAL A 313 1.69 -31.30 -22.61
CA VAL A 313 1.72 -31.32 -22.63
C VAL A 313 1.57 -31.07 -24.12
N GLN A 314 1.86 -32.10 -24.91
CA GLN A 314 1.44 -32.17 -26.33
C GLN A 314 0.07 -32.86 -26.34
N SER A 315 -1.00 -32.08 -26.26
CA SER A 315 -2.39 -32.57 -26.12
CA SER A 315 -2.38 -32.62 -26.08
C SER A 315 -2.69 -33.62 -27.20
N ASP A 316 -2.23 -33.37 -28.42
CA ASP A 316 -2.54 -34.23 -29.59
C ASP A 316 -1.99 -35.65 -29.39
N ASN A 317 -0.95 -35.83 -28.57
CA ASN A 317 -0.23 -37.11 -28.43
C ASN A 317 -0.66 -37.85 -27.16
N LEU A 318 -1.54 -37.26 -26.34
CA LEU A 318 -2.03 -37.97 -25.14
C LEU A 318 -3.11 -38.94 -25.58
N PRO A 319 -3.16 -40.14 -24.97
CA PRO A 319 -4.32 -41.02 -25.16
C PRO A 319 -5.60 -40.31 -24.73
N LYS A 320 -6.74 -40.77 -25.26
CA LYS A 320 -8.05 -40.14 -25.03
C LYS A 320 -8.39 -40.11 -23.53
N GLU A 321 -7.96 -41.10 -22.76
CA GLU A 321 -8.32 -41.22 -21.32
CA GLU A 321 -8.31 -41.21 -21.32
C GLU A 321 -7.44 -40.25 -20.50
N TRP A 322 -6.55 -39.53 -21.17
CA TRP A 322 -5.58 -38.63 -20.48
C TRP A 322 -5.82 -37.18 -20.89
N SER A 323 -5.32 -36.27 -20.06
CA SER A 323 -5.44 -34.82 -20.29
C SER A 323 -4.41 -34.14 -19.39
N ARG A 324 -4.11 -32.87 -19.68
CA ARG A 324 -3.31 -32.03 -18.76
C ARG A 324 -3.91 -32.11 -17.36
N ASP A 325 -5.20 -31.88 -17.21
CA ASP A 325 -5.88 -31.82 -15.89
C ASP A 325 -5.74 -33.16 -15.18
N ARG A 326 -5.88 -34.29 -15.88
CA ARG A 326 -5.69 -35.59 -15.22
C ARG A 326 -4.24 -35.75 -14.76
N ILE A 327 -3.26 -35.32 -15.56
CA ILE A 327 -1.84 -35.41 -15.13
C ILE A 327 -1.67 -34.61 -13.82
N ILE A 328 -2.20 -33.39 -13.74
CA ILE A 328 -2.12 -32.60 -12.47
C ILE A 328 -2.70 -33.44 -11.32
N ARG A 329 -3.89 -34.00 -11.49
CA ARG A 329 -4.58 -34.84 -10.47
CA ARG A 329 -4.55 -34.78 -10.42
C ARG A 329 -3.66 -35.97 -10.03
N GLU A 330 -3.13 -36.72 -10.99
CA GLU A 330 -2.35 -37.94 -10.71
C GLU A 330 -1.05 -37.58 -10.00
N ILE A 331 -0.39 -36.48 -10.40
CA ILE A 331 0.90 -36.12 -9.73
C ILE A 331 0.58 -35.65 -8.30
N ASN A 332 -0.45 -34.84 -8.13
CA ASN A 332 -0.86 -34.40 -6.76
CA ASN A 332 -0.93 -34.41 -6.78
C ASN A 332 -1.20 -35.64 -5.92
N ASP A 333 -1.84 -36.66 -6.51
CA ASP A 333 -2.26 -37.87 -5.74
C ASP A 333 -1.03 -38.64 -5.25
N LEU A 334 0.13 -38.50 -5.89
CA LEU A 334 1.41 -39.12 -5.47
C LEU A 334 2.15 -38.24 -4.42
N GLY A 335 1.56 -37.13 -4.00
CA GLY A 335 2.12 -36.26 -2.95
C GLY A 335 3.02 -35.14 -3.50
N VAL A 336 2.96 -34.87 -4.79
CA VAL A 336 3.85 -33.89 -5.45
C VAL A 336 3.02 -32.69 -5.89
N PRO A 337 3.41 -31.45 -5.52
CA PRO A 337 2.69 -30.28 -6.02
C PRO A 337 2.81 -30.16 -7.54
N CYS A 338 1.68 -29.81 -8.15
CA CYS A 338 1.57 -29.61 -9.62
C CYS A 338 0.36 -28.75 -9.89
N PHE A 339 0.51 -27.80 -10.81
CA PHE A 339 -0.50 -26.76 -11.06
C PHE A 339 -0.62 -26.48 -12.55
N SER A 340 -1.75 -25.88 -12.91
CA SER A 340 -1.96 -25.39 -14.29
C SER A 340 -1.21 -24.07 -14.50
N GLY A 341 -0.81 -23.38 -13.44
CA GLY A 341 0.05 -22.19 -13.56
C GLY A 341 -0.70 -20.90 -13.80
N SER A 342 0.00 -19.93 -14.35
CA SER A 342 -0.48 -18.56 -14.55
C SER A 342 -1.83 -18.59 -15.23
N ALA A 343 -2.72 -17.66 -14.92
CA ALA A 343 -3.81 -17.32 -15.84
C ALA A 343 -3.15 -17.03 -17.19
N SER A 344 -3.76 -17.49 -18.27
CA SER A 344 -3.18 -17.33 -19.63
C SER A 344 -4.03 -16.38 -20.49
N GLU A 345 -5.29 -16.17 -20.12
CA GLU A 345 -6.21 -15.25 -20.81
C GLU A 345 -6.92 -14.39 -19.77
N VAL A 346 -6.19 -13.47 -19.16
CA VAL A 346 -6.74 -12.68 -18.03
C VAL A 346 -7.98 -11.92 -18.52
N TYR A 347 -8.01 -11.52 -19.79
CA TYR A 347 -9.15 -10.79 -20.39
C TYR A 347 -10.46 -11.57 -20.27
N LEU A 348 -10.47 -12.86 -19.95
CA LEU A 348 -11.73 -13.62 -19.76
C LEU A 348 -12.39 -13.27 -18.43
N GLU A 349 -11.68 -12.63 -17.50
CA GLU A 349 -12.28 -12.24 -16.20
C GLU A 349 -13.50 -11.36 -16.47
N LYS A 350 -14.50 -11.45 -15.59
CA LYS A 350 -15.72 -10.62 -15.69
C LYS A 350 -15.41 -9.13 -15.55
N ALA A 351 -14.29 -8.72 -14.95
CA ALA A 351 -13.91 -7.30 -14.91
C ALA A 351 -13.93 -6.70 -16.33
N PHE A 352 -13.68 -7.52 -17.36
CA PHE A 352 -13.55 -7.02 -18.76
C PHE A 352 -14.91 -6.98 -19.45
N ASP A 353 -15.96 -7.47 -18.80
CA ASP A 353 -17.32 -7.47 -19.41
C ASP A 353 -17.71 -6.03 -19.72
N ASN A 354 -18.22 -5.80 -20.93
CA ASN A 354 -18.80 -4.48 -21.32
C ASN A 354 -17.74 -3.37 -21.30
N THR A 355 -16.45 -3.68 -21.44
CA THR A 355 -15.38 -2.65 -21.44
C THR A 355 -14.89 -2.33 -22.84
N GLY A 356 -15.11 -3.22 -23.80
CA GLY A 356 -14.47 -3.16 -25.13
C GLY A 356 -12.98 -3.49 -25.12
N LEU A 357 -12.45 -4.01 -24.00
CA LEU A 357 -11.00 -4.26 -23.88
C LEU A 357 -10.62 -5.66 -24.32
N ARG A 358 -11.57 -6.58 -24.45
CA ARG A 358 -11.24 -7.95 -24.92
C ARG A 358 -10.71 -7.89 -26.35
N PRO A 359 -9.75 -8.75 -26.70
CA PRO A 359 -9.37 -8.88 -28.11
C PRO A 359 -10.57 -9.40 -28.90
N GLU A 360 -10.61 -9.07 -30.21
CA GLU A 360 -11.70 -9.48 -31.13
C GLU A 360 -11.88 -11.00 -31.03
N ASN A 361 -10.76 -11.74 -31.04
CA ASN A 361 -10.74 -13.21 -30.97
C ASN A 361 -9.82 -13.59 -29.82
N ARG A 362 -10.06 -14.75 -29.20
CA ARG A 362 -9.09 -15.27 -28.21
C ARG A 362 -7.69 -15.34 -28.84
N LEU A 363 -6.67 -14.97 -28.09
CA LEU A 363 -5.27 -15.02 -28.55
C LEU A 363 -4.81 -16.47 -28.55
N PRO A 364 -4.45 -17.02 -29.72
CA PRO A 364 -4.34 -18.48 -29.85
C PRO A 364 -3.19 -19.10 -29.05
N VAL A 365 -2.03 -18.47 -28.98
CA VAL A 365 -0.90 -19.09 -28.25
C VAL A 365 -1.23 -19.02 -26.77
N ALA A 366 -1.70 -17.86 -26.29
CA ALA A 366 -2.09 -17.71 -24.87
C ALA A 366 -3.13 -18.75 -24.48
N LYS A 367 -4.14 -18.95 -25.34
CA LYS A 367 -5.19 -19.95 -25.06
C LYS A 367 -4.54 -21.34 -24.95
N GLN A 368 -3.69 -21.68 -25.90
CA GLN A 368 -3.01 -23.00 -25.89
C GLN A 368 -2.22 -23.18 -24.60
N LEU A 369 -1.42 -22.20 -24.18
CA LEU A 369 -0.55 -22.43 -23.02
C LEU A 369 -1.41 -22.59 -21.77
N GLY A 370 -2.56 -21.91 -21.68
CA GLY A 370 -3.45 -22.13 -20.52
C GLY A 370 -3.88 -23.58 -20.45
N GLU A 371 -4.07 -24.21 -21.61
CA GLU A 371 -4.58 -25.60 -21.72
C GLU A 371 -3.47 -26.60 -21.48
N THR A 372 -2.23 -26.27 -21.80
CA THR A 372 -1.12 -27.27 -21.88
C THR A 372 -0.13 -27.15 -20.71
N SER A 373 -0.13 -26.05 -19.97
CA SER A 373 0.90 -25.82 -18.93
C SER A 373 0.79 -26.86 -17.80
N LEU A 374 1.95 -27.34 -17.40
CA LEU A 374 2.19 -28.05 -16.13
C LEU A 374 3.25 -27.27 -15.38
N MET A 375 2.96 -26.88 -14.16
CA MET A 375 3.86 -26.00 -13.37
C MET A 375 4.28 -26.70 -12.10
N PHE A 376 5.57 -26.73 -11.83
CA PHE A 376 6.19 -27.39 -10.67
C PHE A 376 6.91 -26.36 -9.83
N LEU A 377 7.07 -26.68 -8.56
CA LEU A 377 7.78 -25.84 -7.59
C LEU A 377 9.26 -26.19 -7.56
N VAL A 378 10.10 -25.18 -7.39
CA VAL A 378 11.59 -25.29 -7.45
C VAL A 378 12.22 -24.41 -6.37
N HIS A 379 11.46 -23.96 -5.38
CA HIS A 379 11.96 -22.98 -4.39
C HIS A 379 13.08 -23.59 -3.56
N PRO A 380 13.96 -22.74 -3.00
CA PRO A 380 15.24 -23.19 -2.47
C PRO A 380 15.23 -24.12 -1.26
N THR A 381 14.13 -24.20 -0.53
CA THR A 381 14.03 -25.09 0.64
C THR A 381 13.74 -26.53 0.20
N LEU A 382 13.33 -26.78 -1.04
CA LEU A 382 13.02 -28.17 -1.45
C LEU A 382 14.28 -29.03 -1.33
N THR A 383 14.14 -30.19 -0.68
CA THR A 383 15.31 -31.07 -0.46
C THR A 383 15.61 -31.87 -1.72
N GLU A 384 16.81 -32.44 -1.78
CA GLU A 384 17.17 -33.40 -2.86
C GLU A 384 16.07 -34.46 -2.95
N ASP A 385 15.59 -34.96 -1.81
CA ASP A 385 14.61 -36.06 -1.83
C ASP A 385 13.28 -35.55 -2.41
N GLU A 386 12.88 -34.32 -2.12
CA GLU A 386 11.60 -33.79 -2.65
C GLU A 386 11.72 -33.62 -4.17
N ILE A 387 12.87 -33.21 -4.66
CA ILE A 387 13.07 -33.10 -6.13
C ILE A 387 13.07 -34.51 -6.73
N LYS A 388 13.69 -35.48 -6.04
CA LYS A 388 13.68 -36.91 -6.47
C LYS A 388 12.22 -37.39 -6.56
N GLN A 389 11.40 -37.09 -5.57
CA GLN A 389 9.99 -37.47 -5.58
C GLN A 389 9.28 -36.81 -6.76
N THR A 390 9.61 -35.55 -7.05
CA THR A 390 9.01 -34.83 -8.22
C THR A 390 9.31 -35.60 -9.50
N VAL A 391 10.57 -35.90 -9.74
CA VAL A 391 11.03 -36.67 -10.93
C VAL A 391 10.28 -38.01 -10.97
N GLN A 392 10.17 -38.68 -9.84
CA GLN A 392 9.57 -40.04 -9.82
C GLN A 392 8.08 -39.97 -10.11
N ALA A 393 7.39 -38.91 -9.69
CA ALA A 393 5.95 -38.76 -9.96
C ALA A 393 5.77 -38.50 -11.46
N ILE A 394 6.63 -37.65 -12.03
CA ILE A 394 6.59 -37.37 -13.50
C ILE A 394 6.82 -38.68 -14.25
N ASP A 395 7.86 -39.41 -13.91
CA ASP A 395 8.19 -40.68 -14.60
C ASP A 395 7.04 -41.67 -14.40
N GLY A 396 6.44 -41.76 -13.21
CA GLY A 396 5.37 -42.74 -12.95
C GLY A 396 4.15 -42.47 -13.80
N VAL A 397 3.72 -41.20 -13.86
CA VAL A 397 2.49 -40.84 -14.59
C VAL A 397 2.75 -40.95 -16.08
N PHE A 398 3.89 -40.48 -16.57
CA PHE A 398 4.14 -40.52 -18.03
C PHE A 398 4.41 -41.97 -18.48
N ALA A 399 5.01 -42.80 -17.63
CA ALA A 399 5.15 -44.25 -17.93
C ALA A 399 3.76 -44.87 -18.08
N ASN A 400 2.81 -44.48 -17.24
CA ASN A 400 1.39 -44.91 -17.33
CA ASN A 400 1.41 -44.96 -17.35
C ASN A 400 0.79 -44.47 -18.67
N ILE A 401 0.99 -43.21 -19.04
CA ILE A 401 0.52 -42.68 -20.34
C ILE A 401 1.11 -43.51 -21.48
N HIS A 402 2.42 -43.78 -21.41
CA HIS A 402 3.16 -44.46 -22.50
C HIS A 402 2.69 -45.92 -22.66
N ASN A 403 2.31 -46.58 -21.55
CA ASN A 403 2.17 -48.05 -21.45
C ASN A 403 0.74 -48.40 -20.99
N PRO B 9 15.88 12.78 25.76
CA PRO B 9 14.54 12.95 25.10
C PRO B 9 13.43 12.44 26.02
N PHE B 10 12.18 12.81 25.74
CA PHE B 10 11.00 12.20 26.43
C PHE B 10 10.80 10.75 25.97
N SER B 11 10.14 9.97 26.82
CA SER B 11 9.73 8.58 26.54
C SER B 11 9.20 8.47 25.12
N PRO B 12 9.57 7.40 24.41
CA PRO B 12 9.26 7.30 22.98
C PRO B 12 7.80 7.05 22.66
N TRP B 13 7.39 7.53 21.49
CA TRP B 13 6.16 7.06 20.82
C TRP B 13 6.48 6.95 19.34
N PRO B 14 6.30 5.78 18.69
CA PRO B 14 5.80 4.57 19.34
C PRO B 14 6.82 3.93 20.29
N SER B 15 6.36 2.96 21.07
CA SER B 15 7.17 2.24 22.06
C SER B 15 6.73 0.79 22.05
N PHE B 16 7.34 -0.02 21.19
CA PHE B 16 6.99 -1.44 21.05
C PHE B 16 7.52 -2.26 22.22
N THR B 17 6.67 -3.14 22.68
CA THR B 17 6.95 -4.04 23.82
C THR B 17 7.50 -5.37 23.33
N GLN B 18 8.10 -6.14 24.24
CA GLN B 18 8.53 -7.51 23.93
C GLN B 18 7.34 -8.34 23.49
N ILE B 19 6.15 -8.15 24.05
CA ILE B 19 4.95 -8.92 23.63
C ILE B 19 4.75 -8.70 22.12
N GLU B 20 4.82 -7.44 21.69
CA GLU B 20 4.63 -7.09 20.26
C GLU B 20 5.77 -7.67 19.41
N ALA B 21 7.01 -7.55 19.83
CA ALA B 21 8.15 -8.12 19.08
C ALA B 21 7.99 -9.63 18.97
N ASP B 22 7.59 -10.30 20.06
CA ASP B 22 7.40 -11.76 20.02
C ASP B 22 6.28 -12.11 19.04
N ALA B 23 5.22 -11.32 19.01
CA ALA B 23 4.05 -11.59 18.13
C ALA B 23 4.48 -11.49 16.67
N VAL B 24 5.24 -10.47 16.29
CA VAL B 24 5.61 -10.32 14.86
C VAL B 24 6.57 -11.45 14.51
N SER B 25 7.48 -11.81 15.40
CA SER B 25 8.43 -12.93 15.18
CA SER B 25 8.44 -12.94 15.21
C SER B 25 7.65 -14.23 14.97
N ARG B 26 6.64 -14.48 15.79
CA ARG B 26 5.83 -15.71 15.69
C ARG B 26 5.10 -15.73 14.36
N VAL B 27 4.50 -14.61 13.98
CA VAL B 27 3.74 -14.55 12.69
C VAL B 27 4.72 -14.83 11.54
N LEU B 28 5.90 -14.23 11.58
CA LEU B 28 6.89 -14.42 10.50
C LEU B 28 7.29 -15.90 10.42
N LEU B 29 7.65 -16.51 11.54
CA LEU B 29 8.20 -17.89 11.53
C LEU B 29 7.09 -18.87 11.15
N SER B 30 5.81 -18.53 11.34
CA SER B 30 4.66 -19.36 10.92
C SER B 30 4.62 -19.48 9.40
N ASN B 31 5.21 -18.51 8.68
CA ASN B 31 5.18 -18.38 7.20
C ASN B 31 3.78 -17.95 6.74
N GLN B 32 2.84 -17.77 7.63
CA GLN B 32 1.47 -17.35 7.28
C GLN B 32 1.44 -15.83 7.31
N VAL B 33 2.04 -15.19 6.28
CA VAL B 33 2.44 -13.76 6.39
C VAL B 33 1.52 -12.84 5.60
N ASN B 34 0.63 -13.39 4.81
CA ASN B 34 -0.21 -12.61 3.89
C ASN B 34 -1.68 -12.71 4.29
N TYR B 35 -2.46 -11.70 3.93
CA TYR B 35 -3.94 -11.67 4.05
C TYR B 35 -4.58 -12.97 3.58
N TRP B 36 -3.99 -13.64 2.60
CA TRP B 36 -4.53 -14.86 1.95
C TRP B 36 -3.91 -16.12 2.53
N THR B 37 -2.94 -16.05 3.43
CA THR B 37 -2.29 -17.28 3.97
C THR B 37 -2.37 -17.34 5.49
N GLY B 38 -2.90 -16.33 6.16
CA GLY B 38 -3.14 -16.36 7.61
C GLY B 38 -4.47 -15.73 7.97
N GLN B 39 -4.73 -15.68 9.26
CA GLN B 39 -6.02 -15.19 9.80
C GLN B 39 -5.83 -13.99 10.72
N GLU B 40 -4.63 -13.43 10.83
CA GLU B 40 -4.46 -12.26 11.73
C GLU B 40 -5.26 -11.06 11.20
N CYS B 41 -5.09 -10.67 9.94
CA CYS B 41 -5.88 -9.55 9.38
C CYS B 41 -7.37 -9.83 9.52
N ARG B 42 -7.82 -11.06 9.24
CA ARG B 42 -9.27 -11.33 9.22
C ARG B 42 -9.83 -11.16 10.64
N GLN B 43 -9.10 -11.61 11.65
CA GLN B 43 -9.55 -11.46 13.06
C GLN B 43 -9.42 -10.00 13.50
N PHE B 44 -8.39 -9.29 13.01
CA PHE B 44 -8.26 -7.84 13.30
C PHE B 44 -9.47 -7.10 12.77
N GLU B 45 -9.92 -7.44 11.56
CA GLU B 45 -11.11 -6.81 10.95
C GLU B 45 -12.33 -7.01 11.86
N THR B 46 -12.61 -8.22 12.27
CA THR B 46 -13.85 -8.44 13.06
CA THR B 46 -13.79 -8.54 13.13
C THR B 46 -13.66 -7.77 14.44
N GLU B 47 -12.47 -7.83 15.04
CA GLU B 47 -12.25 -7.20 16.37
C GLU B 47 -12.37 -5.69 16.23
N PHE B 48 -11.78 -5.12 15.18
CA PHE B 48 -11.81 -3.65 15.01
C PHE B 48 -13.25 -3.17 14.78
N ALA B 49 -13.99 -3.87 13.94
CA ALA B 49 -15.38 -3.50 13.67
C ALA B 49 -16.14 -3.46 15.01
N GLU B 50 -16.00 -4.49 15.83
CA GLU B 50 -16.73 -4.56 17.14
C GLU B 50 -16.29 -3.37 17.99
N TRP B 51 -14.99 -3.14 18.07
CA TRP B 51 -14.44 -2.05 18.92
C TRP B 51 -14.97 -0.69 18.44
N ALA B 52 -15.07 -0.49 17.11
CA ALA B 52 -15.46 0.81 16.51
C ALA B 52 -16.98 0.90 16.25
N ASP B 53 -17.78 0.03 16.87
CA ASP B 53 -19.26 0.12 16.81
C ASP B 53 -19.75 0.03 15.36
N SER B 54 -19.08 -0.75 14.53
CA SER B 54 -19.38 -0.87 13.09
C SER B 54 -19.65 -2.32 12.74
N LYS B 55 -20.52 -2.53 11.75
CA LYS B 55 -20.87 -3.88 11.29
C LYS B 55 -19.65 -4.49 10.55
N TYR B 56 -18.89 -3.66 9.84
CA TYR B 56 -17.85 -4.14 8.89
C TYR B 56 -16.57 -3.35 9.07
N ALA B 57 -15.44 -4.03 8.91
CA ALA B 57 -14.11 -3.38 8.83
C ALA B 57 -13.27 -4.14 7.83
N ILE B 58 -12.37 -3.40 7.17
CA ILE B 58 -11.40 -3.98 6.20
C ILE B 58 -10.02 -3.43 6.50
N ALA B 59 -9.06 -4.30 6.68
CA ALA B 59 -7.66 -3.94 6.93
C ALA B 59 -7.04 -3.38 5.65
N MET B 60 -6.37 -2.24 5.78
CA MET B 60 -5.79 -1.47 4.66
C MET B 60 -4.29 -1.24 4.89
N GLY B 61 -3.55 -0.89 3.84
CA GLY B 61 -2.11 -0.66 3.97
C GLY B 61 -1.79 0.59 4.78
N ASN B 62 -2.66 1.60 4.75
CA ASN B 62 -2.40 2.86 5.46
C ASN B 62 -3.65 3.72 5.43
N GLY B 63 -3.64 4.82 6.15
CA GLY B 63 -4.82 5.69 6.27
C GLY B 63 -5.12 6.44 5.01
N THR B 64 -4.14 6.64 4.14
CA THR B 64 -4.39 7.29 2.85
C THR B 64 -5.19 6.34 1.97
N LEU B 65 -4.77 5.09 1.91
CA LEU B 65 -5.49 4.07 1.10
C LEU B 65 -6.89 3.88 1.69
N ALA B 66 -7.06 3.99 2.99
CA ALA B 66 -8.41 3.92 3.60
C ALA B 66 -9.32 5.01 3.04
N LEU B 67 -8.84 6.25 2.97
CA LEU B 67 -9.59 7.36 2.33
C LEU B 67 -9.83 7.03 0.85
N ASP B 68 -8.80 6.57 0.16
CA ASP B 68 -8.90 6.28 -1.30
C ASP B 68 -10.01 5.26 -1.53
N VAL B 69 -10.03 4.18 -0.78
CA VAL B 69 -10.97 3.06 -1.05
C VAL B 69 -12.39 3.50 -0.68
N ALA B 70 -12.55 4.34 0.33
CA ALA B 70 -13.87 4.89 0.69
C ALA B 70 -14.39 5.74 -0.48
N LEU B 71 -13.58 6.65 -1.00
CA LEU B 71 -14.01 7.49 -2.15
C LEU B 71 -14.38 6.59 -3.33
N GLN B 72 -13.63 5.52 -3.58
CA GLN B 72 -13.91 4.59 -4.70
CA GLN B 72 -13.91 4.58 -4.71
C GLN B 72 -15.29 3.95 -4.51
N ALA B 73 -15.58 3.47 -3.32
CA ALA B 73 -16.84 2.74 -3.06
C ALA B 73 -18.03 3.69 -3.21
N LEU B 74 -17.85 4.96 -2.89
CA LEU B 74 -18.94 5.96 -2.93
C LEU B 74 -19.12 6.51 -4.34
N ASP B 75 -18.32 6.07 -5.32
CA ASP B 75 -18.48 6.50 -6.73
C ASP B 75 -18.30 8.02 -6.81
N ILE B 76 -17.33 8.55 -6.09
CA ILE B 76 -16.98 9.99 -6.15
C ILE B 76 -15.86 10.15 -7.17
N GLY B 77 -16.01 11.09 -8.08
CA GLY B 77 -15.05 11.25 -9.20
C GLY B 77 -15.23 12.57 -9.92
N ALA B 78 -14.88 12.61 -11.20
CA ALA B 78 -14.81 13.85 -11.99
C ALA B 78 -16.15 14.59 -11.91
N GLY B 79 -16.11 15.88 -11.60
CA GLY B 79 -17.29 16.73 -11.57
C GLY B 79 -17.98 16.75 -10.21
N ASP B 80 -17.58 15.87 -9.28
CA ASP B 80 -18.14 15.84 -7.91
C ASP B 80 -17.30 16.76 -7.03
N GLU B 81 -17.94 17.62 -6.26
CA GLU B 81 -17.23 18.39 -5.21
C GLU B 81 -17.29 17.63 -3.91
N VAL B 82 -16.20 17.66 -3.16
CA VAL B 82 -16.14 17.04 -1.82
C VAL B 82 -15.65 18.11 -0.87
N ILE B 83 -16.40 18.38 0.18
CA ILE B 83 -15.99 19.37 1.21
C ILE B 83 -14.87 18.75 2.03
N VAL B 84 -13.81 19.50 2.21
CA VAL B 84 -12.59 19.05 2.94
C VAL B 84 -12.22 20.12 3.95
N THR B 85 -11.38 19.76 4.90
CA THR B 85 -10.80 20.71 5.87
C THR B 85 -9.44 21.16 5.38
N PRO B 86 -9.08 22.43 5.62
CA PRO B 86 -7.71 22.90 5.34
C PRO B 86 -6.70 22.54 6.45
N ARG B 87 -7.21 22.09 7.60
CA ARG B 87 -6.42 21.87 8.84
C ARG B 87 -6.35 20.37 9.10
N THR B 88 -5.33 19.76 8.53
CA THR B 88 -5.18 18.28 8.50
C THR B 88 -3.84 17.95 7.87
N PHE B 89 -3.61 16.67 7.67
CA PHE B 89 -2.55 16.16 6.80
C PHE B 89 -3.08 16.09 5.37
N ILE B 90 -2.22 16.36 4.42
CA ILE B 90 -2.66 16.55 3.01
C ILE B 90 -3.50 15.38 2.49
N ALA B 91 -3.28 14.14 2.94
CA ALA B 91 -4.03 12.98 2.43
C ALA B 91 -5.54 13.19 2.51
N SER B 92 -6.04 13.90 3.52
CA SER B 92 -7.50 14.15 3.71
C SER B 92 -8.07 14.94 2.52
N ILE B 93 -7.21 15.58 1.76
CA ILE B 93 -7.57 16.43 0.59
C ILE B 93 -7.08 15.77 -0.70
N SER B 94 -5.84 15.32 -0.73
CA SER B 94 -5.25 14.77 -1.96
C SER B 94 -5.94 13.46 -2.38
N SER B 95 -6.48 12.70 -1.43
N SER B 95 -6.51 12.71 -1.45
CA SER B 95 -7.30 11.50 -1.78
CA SER B 95 -7.28 11.50 -1.84
C SER B 95 -8.43 11.94 -2.73
C SER B 95 -8.48 11.91 -2.71
N VAL B 96 -9.10 13.05 -2.42
CA VAL B 96 -10.20 13.59 -3.27
C VAL B 96 -9.63 13.94 -4.65
N VAL B 97 -8.53 14.67 -4.70
CA VAL B 97 -7.90 15.07 -5.99
C VAL B 97 -7.56 13.81 -6.80
N ASN B 98 -6.97 12.82 -6.15
CA ASN B 98 -6.40 11.66 -6.88
C ASN B 98 -7.49 10.82 -7.54
N ILE B 99 -8.69 10.79 -7.00
CA ILE B 99 -9.81 10.07 -7.65
C ILE B 99 -10.48 10.93 -8.74
N GLY B 100 -10.05 12.18 -8.91
CA GLY B 100 -10.53 13.06 -9.99
C GLY B 100 -11.62 14.00 -9.51
N ALA B 101 -12.01 13.96 -8.23
CA ALA B 101 -13.01 14.88 -7.67
C ALA B 101 -12.38 16.23 -7.30
N THR B 102 -13.24 17.18 -6.97
CA THR B 102 -12.85 18.58 -6.71
C THR B 102 -12.99 18.83 -5.22
N PRO B 103 -11.87 18.96 -4.46
CA PRO B 103 -12.00 19.34 -3.06
C PRO B 103 -12.38 20.81 -2.94
N VAL B 104 -13.31 21.06 -2.01
CA VAL B 104 -13.77 22.43 -1.67
C VAL B 104 -13.60 22.63 -0.18
N PHE B 105 -12.87 23.68 0.20
CA PHE B 105 -12.44 23.87 1.61
C PHE B 105 -13.52 24.58 2.39
N SER B 106 -13.83 24.03 3.55
CA SER B 106 -14.64 24.66 4.62
C SER B 106 -13.71 25.26 5.67
N ASP B 107 -14.08 26.37 6.28
CA ASP B 107 -13.34 26.87 7.44
C ASP B 107 -13.65 26.00 8.65
N VAL B 108 -12.91 26.23 9.70
CA VAL B 108 -12.93 25.36 10.89
C VAL B 108 -13.44 26.14 12.11
N ASP B 109 -13.76 25.38 13.14
N ASP B 109 -13.73 25.36 13.14
CA ASP B 109 -14.17 25.94 14.43
CA ASP B 109 -14.13 25.79 14.50
C ASP B 109 -12.95 26.45 15.19
C ASP B 109 -12.93 26.43 15.23
N GLU B 110 -13.09 27.62 15.80
CA GLU B 110 -11.99 28.31 16.50
C GLU B 110 -11.55 27.53 17.75
N ALA B 111 -12.46 26.77 18.36
CA ALA B 111 -12.16 25.98 19.58
C ALA B 111 -11.64 24.58 19.24
N THR B 112 -12.21 23.89 18.24
CA THR B 112 -11.97 22.45 18.04
C THR B 112 -11.02 22.21 16.87
N GLY B 113 -10.88 23.17 15.95
CA GLY B 113 -10.06 23.01 14.73
C GLY B 113 -10.70 22.12 13.68
N ASN B 114 -11.98 21.78 13.83
CA ASN B 114 -12.70 20.92 12.89
C ASN B 114 -13.62 21.73 11.99
N ILE B 115 -13.90 21.21 10.80
CA ILE B 115 -14.99 21.79 9.95
C ILE B 115 -16.32 21.64 10.68
N THR B 116 -17.22 22.60 10.47
CA THR B 116 -18.49 22.70 11.20
C THR B 116 -19.65 22.64 10.23
N PRO B 117 -20.84 22.25 10.67
CA PRO B 117 -22.03 22.32 9.83
C PRO B 117 -22.17 23.69 9.16
N GLU B 118 -21.98 24.77 9.91
CA GLU B 118 -22.20 26.13 9.35
C GLU B 118 -21.17 26.43 8.25
N SER B 119 -19.90 26.10 8.45
N SER B 119 -19.91 26.07 8.49
CA SER B 119 -18.84 26.43 7.47
CA SER B 119 -18.78 26.33 7.56
C SER B 119 -18.92 25.47 6.26
C SER B 119 -18.94 25.48 6.29
N ILE B 120 -19.44 24.26 6.45
CA ILE B 120 -19.72 23.31 5.34
C ILE B 120 -20.87 23.86 4.49
N ALA B 121 -21.97 24.23 5.14
CA ALA B 121 -23.15 24.78 4.44
C ALA B 121 -22.74 25.96 3.57
N ALA B 122 -21.80 26.78 4.05
CA ALA B 122 -21.38 28.02 3.35
C ALA B 122 -20.74 27.71 1.99
N VAL B 123 -20.22 26.49 1.78
CA VAL B 123 -19.47 26.17 0.54
C VAL B 123 -20.16 25.03 -0.22
N LEU B 124 -21.35 24.62 0.21
CA LEU B 124 -22.16 23.62 -0.54
C LEU B 124 -22.58 24.21 -1.88
N THR B 125 -22.58 23.38 -2.92
CA THR B 125 -23.14 23.74 -4.25
C THR B 125 -23.98 22.57 -4.74
N ASP B 126 -24.62 22.72 -5.89
CA ASP B 126 -25.40 21.62 -6.50
C ASP B 126 -24.46 20.49 -6.94
N LYS B 127 -23.14 20.67 -6.93
CA LYS B 127 -22.19 19.62 -7.35
C LYS B 127 -21.56 18.90 -6.14
N THR B 128 -21.78 19.38 -4.92
CA THR B 128 -21.26 18.68 -3.74
C THR B 128 -21.86 17.27 -3.70
N LYS B 129 -21.03 16.25 -3.53
CA LYS B 129 -21.47 14.84 -3.37
C LYS B 129 -21.02 14.29 -2.01
N GLY B 130 -19.93 14.83 -1.45
CA GLY B 130 -19.31 14.24 -0.25
C GLY B 130 -18.76 15.26 0.70
N ILE B 131 -18.52 14.81 1.92
CA ILE B 131 -17.78 15.56 2.98
C ILE B 131 -16.73 14.59 3.53
N VAL B 132 -15.49 15.02 3.62
CA VAL B 132 -14.44 14.29 4.37
C VAL B 132 -14.16 15.10 5.62
N CYS B 133 -14.76 14.71 6.73
CA CYS B 133 -14.60 15.45 8.00
C CYS B 133 -13.51 14.78 8.82
N VAL B 134 -12.57 15.57 9.31
CA VAL B 134 -11.44 15.07 10.11
C VAL B 134 -11.76 15.34 11.57
N HIS B 135 -11.61 14.33 12.42
CA HIS B 135 -11.67 14.52 13.89
C HIS B 135 -10.27 14.94 14.34
N LEU B 136 -9.96 16.22 14.23
CA LEU B 136 -8.55 16.66 14.32
C LEU B 136 -8.04 16.49 15.75
N ALA B 137 -6.89 15.84 15.90
CA ALA B 137 -6.18 15.62 17.18
C ALA B 137 -6.99 14.72 18.10
N GLY B 138 -8.16 14.25 17.66
CA GLY B 138 -9.01 13.38 18.51
C GLY B 138 -10.29 14.07 18.97
N TRP B 139 -10.50 15.34 18.65
CA TRP B 139 -11.76 16.02 18.99
C TRP B 139 -12.78 15.67 17.92
N PRO B 140 -13.92 15.04 18.26
CA PRO B 140 -14.91 14.70 17.23
C PRO B 140 -15.58 15.94 16.64
N CYS B 141 -15.84 15.89 15.33
CA CYS B 141 -16.74 16.83 14.63
C CYS B 141 -18.14 16.76 15.23
N ASP B 142 -18.93 17.80 15.00
CA ASP B 142 -20.38 17.86 15.31
C ASP B 142 -21.13 16.95 14.33
N MET B 143 -21.16 15.67 14.61
CA MET B 143 -21.66 14.69 13.64
C MET B 143 -23.19 14.79 13.52
N ASP B 144 -23.91 15.23 14.54
CA ASP B 144 -25.38 15.40 14.38
C ASP B 144 -25.62 16.46 13.29
N GLY B 145 -24.94 17.60 13.38
CA GLY B 145 -25.09 18.69 12.41
C GLY B 145 -24.61 18.26 11.02
N ILE B 146 -23.49 17.54 10.96
CA ILE B 146 -22.93 17.14 9.64
C ILE B 146 -23.85 16.10 9.01
N MET B 147 -24.33 15.13 9.78
CA MET B 147 -25.18 14.06 9.19
C MET B 147 -26.54 14.66 8.81
N ALA B 148 -27.02 15.68 9.52
CA ALA B 148 -28.30 16.35 9.20
C ALA B 148 -28.14 17.07 7.86
N LEU B 149 -27.03 17.78 7.68
CA LEU B 149 -26.73 18.50 6.44
C LEU B 149 -26.60 17.48 5.30
N ALA B 150 -25.93 16.35 5.55
CA ALA B 150 -25.71 15.31 4.53
C ALA B 150 -27.07 14.71 4.12
N ASP B 151 -27.97 14.47 5.07
CA ASP B 151 -29.31 13.94 4.76
C ASP B 151 -30.07 14.96 3.92
N LYS B 152 -30.04 16.23 4.31
CA LYS B 152 -30.81 17.29 3.62
C LYS B 152 -30.35 17.39 2.16
N HIS B 153 -29.06 17.26 1.90
CA HIS B 153 -28.46 17.61 0.58
C HIS B 153 -28.00 16.34 -0.16
N ASN B 154 -28.35 15.18 0.37
CA ASN B 154 -28.04 13.87 -0.26
C ASN B 154 -26.53 13.72 -0.45
N LEU B 155 -25.77 13.93 0.62
CA LEU B 155 -24.30 13.85 0.57
C LEU B 155 -23.83 12.58 1.27
N TYR B 156 -22.64 12.14 0.86
CA TYR B 156 -21.94 11.02 1.54
CA TYR B 156 -21.90 11.02 1.50
C TYR B 156 -20.89 11.59 2.48
N VAL B 157 -20.76 10.98 3.64
CA VAL B 157 -19.81 11.44 4.68
C VAL B 157 -18.78 10.37 4.93
N ILE B 158 -17.50 10.77 4.81
CA ILE B 158 -16.33 9.95 5.24
C ILE B 158 -15.77 10.62 6.49
N GLU B 159 -15.73 9.89 7.59
CA GLU B 159 -15.04 10.34 8.81
C GLU B 159 -13.57 9.95 8.71
N ASP B 160 -12.66 10.91 8.65
CA ASP B 160 -11.22 10.63 8.73
C ASP B 160 -10.86 10.55 10.20
N CYS B 161 -10.63 9.32 10.67
CA CYS B 161 -10.41 8.98 12.08
C CYS B 161 -8.92 8.73 12.37
N ALA B 162 -8.00 9.14 11.48
CA ALA B 162 -6.55 8.88 11.63
C ALA B 162 -6.00 9.42 12.94
N GLN B 163 -6.58 10.47 13.52
CA GLN B 163 -6.08 11.10 14.76
C GLN B 163 -7.02 10.83 15.93
N ALA B 164 -7.90 9.82 15.83
CA ALA B 164 -9.08 9.79 16.72
C ALA B 164 -9.42 8.42 17.28
N HIS B 165 -8.49 7.48 17.31
CA HIS B 165 -8.74 6.18 17.96
C HIS B 165 -9.13 6.41 19.42
N GLY B 166 -10.31 5.96 19.81
CA GLY B 166 -10.82 6.09 21.17
C GLY B 166 -11.80 7.25 21.30
N ALA B 167 -11.86 8.17 20.37
CA ALA B 167 -12.85 9.25 20.42
C ALA B 167 -14.27 8.67 20.31
N THR B 168 -15.22 9.29 20.98
CA THR B 168 -16.65 8.94 20.85
C THR B 168 -17.45 10.20 20.64
N TYR B 169 -18.58 10.05 19.96
CA TYR B 169 -19.53 11.15 19.74
C TYR B 169 -20.88 10.66 20.22
N LYS B 170 -21.34 11.27 21.32
CA LYS B 170 -22.67 11.01 21.92
C LYS B 170 -22.88 9.51 22.00
N GLY B 171 -21.90 8.78 22.59
CA GLY B 171 -22.02 7.38 23.00
C GLY B 171 -21.51 6.37 21.97
N ARG B 172 -21.09 6.78 20.78
CA ARG B 172 -20.61 5.78 19.79
C ARG B 172 -19.24 6.16 19.26
N SER B 173 -18.45 5.14 18.93
CA SER B 173 -17.13 5.34 18.31
C SER B 173 -17.24 6.29 17.12
N VAL B 174 -16.30 7.21 17.01
CA VAL B 174 -16.05 7.83 15.69
C VAL B 174 -15.84 6.71 14.66
N GLY B 175 -16.15 7.02 13.43
CA GLY B 175 -15.94 6.07 12.32
C GLY B 175 -17.16 5.23 12.04
N SER B 176 -18.16 5.26 12.95
CA SER B 176 -19.39 4.43 12.87
C SER B 176 -20.58 5.27 12.45
N ILE B 177 -20.41 6.57 12.23
CA ILE B 177 -21.55 7.53 12.09
C ILE B 177 -21.70 7.91 10.63
N GLY B 178 -20.62 8.34 9.99
CA GLY B 178 -20.61 8.61 8.54
C GLY B 178 -20.89 7.33 7.76
N HIS B 179 -20.99 7.46 6.44
CA HIS B 179 -21.13 6.26 5.57
C HIS B 179 -19.93 5.34 5.74
N ILE B 180 -18.72 5.91 5.81
CA ILE B 180 -17.47 5.11 5.94
C ILE B 180 -16.54 5.87 6.89
N GLY B 181 -15.87 5.17 7.76
CA GLY B 181 -14.73 5.69 8.51
C GLY B 181 -13.42 5.20 7.93
N ALA B 182 -12.45 6.11 7.85
CA ALA B 182 -11.10 5.82 7.38
C ALA B 182 -10.13 6.01 8.55
N TRP B 183 -9.23 5.05 8.70
CA TRP B 183 -8.31 5.00 9.86
C TRP B 183 -6.87 4.82 9.40
N SER B 184 -5.97 5.49 10.10
CA SER B 184 -4.50 5.32 9.99
C SER B 184 -3.99 4.65 11.25
N PHE B 185 -2.97 3.81 11.10
CA PHE B 185 -2.13 3.32 12.21
C PHE B 185 -0.67 3.62 11.86
N CYS B 186 -0.39 4.82 11.35
CA CYS B 186 0.99 5.23 11.04
C CYS B 186 1.78 5.44 12.32
N GLN B 187 3.08 5.63 12.18
CA GLN B 187 4.08 5.32 13.22
C GLN B 187 3.79 6.03 14.54
N ASP B 188 3.34 7.28 14.56
CA ASP B 188 3.12 7.96 15.87
C ASP B 188 1.64 8.05 16.23
N LYS B 189 0.74 7.35 15.51
CA LYS B 189 -0.70 7.50 15.81
CA LYS B 189 -0.72 7.41 15.75
C LYS B 189 -1.08 6.72 17.08
N ILE B 190 -2.30 6.90 17.52
CA ILE B 190 -2.77 6.34 18.83
C ILE B 190 -2.67 4.82 18.77
N MET B 191 -3.00 4.22 17.64
CA MET B 191 -2.64 2.83 17.33
C MET B 191 -1.62 2.87 16.20
N THR B 192 -0.61 2.01 16.26
CA THR B 192 0.60 2.10 15.43
C THR B 192 1.05 0.69 15.09
N THR B 193 0.64 0.21 13.91
CA THR B 193 0.83 -1.19 13.51
C THR B 193 2.19 -1.39 12.85
N GLY B 194 3.28 -1.03 13.53
CA GLY B 194 4.62 -1.46 13.12
C GLY B 194 5.15 -0.71 11.92
N GLY B 195 4.69 0.54 11.72
CA GLY B 195 5.30 1.49 10.75
C GLY B 195 4.26 2.10 9.83
N GLU B 196 3.31 1.29 9.40
CA GLU B 196 2.18 1.73 8.55
C GLU B 196 0.98 0.86 8.89
N GLY B 197 -0.20 1.34 8.55
CA GLY B 197 -1.42 0.53 8.55
C GLY B 197 -2.66 1.36 8.46
N GLY B 198 -3.75 0.74 8.07
CA GLY B 198 -5.02 1.45 8.06
C GLY B 198 -6.19 0.52 8.13
N MET B 199 -7.36 1.09 8.04
CA MET B 199 -8.63 0.34 8.21
C MET B 199 -9.74 1.23 7.65
N VAL B 200 -10.77 0.60 7.11
CA VAL B 200 -12.07 1.27 6.90
C VAL B 200 -13.14 0.55 7.73
N THR B 201 -14.09 1.33 8.20
CA THR B 201 -15.28 0.83 8.89
C THR B 201 -16.52 1.31 8.14
N THR B 202 -17.57 0.48 8.15
CA THR B 202 -18.88 0.89 7.60
C THR B 202 -19.97 0.02 8.20
N ASN B 203 -21.19 0.49 8.09
CA ASN B 203 -22.38 -0.32 8.45
C ASN B 203 -23.09 -0.81 7.20
N ASP B 204 -22.65 -0.37 6.01
N ASP B 204 -22.61 -0.44 6.01
CA ASP B 204 -23.32 -0.70 4.73
CA ASP B 204 -23.32 -0.67 4.72
C ASP B 204 -22.66 -1.93 4.09
C ASP B 204 -22.70 -1.86 3.97
N GLU B 205 -23.43 -2.98 3.86
CA GLU B 205 -22.90 -4.23 3.28
C GLU B 205 -22.35 -3.96 1.87
N GLN B 206 -23.04 -3.18 1.05
CA GLN B 206 -22.61 -2.96 -0.35
C GLN B 206 -21.32 -2.14 -0.36
N LEU B 207 -21.19 -1.14 0.50
CA LEU B 207 -19.93 -0.36 0.56
C LEU B 207 -18.81 -1.30 1.03
N TRP B 208 -19.08 -2.17 2.01
CA TRP B 208 -18.09 -3.15 2.47
C TRP B 208 -17.65 -4.05 1.30
N ARG B 209 -18.59 -4.64 0.56
CA ARG B 209 -18.24 -5.56 -0.54
C ARG B 209 -17.42 -4.81 -1.59
N LYS B 210 -17.77 -3.56 -1.86
CA LYS B 210 -17.05 -2.78 -2.90
C LYS B 210 -15.61 -2.51 -2.41
N MET B 211 -15.45 -2.02 -1.19
CA MET B 211 -14.07 -1.69 -0.71
C MET B 211 -13.25 -2.98 -0.58
N TRP B 212 -13.85 -4.07 -0.13
CA TRP B 212 -13.13 -5.34 0.04
C TRP B 212 -12.56 -5.80 -1.30
N ALA B 213 -13.35 -5.73 -2.35
CA ALA B 213 -12.91 -6.11 -3.71
C ALA B 213 -11.81 -5.17 -4.18
N TYR B 214 -12.00 -3.87 -3.98
CA TYR B 214 -11.14 -2.86 -4.63
C TYR B 214 -9.71 -3.00 -4.09
N LYS B 215 -9.56 -3.33 -2.81
CA LYS B 215 -8.22 -3.45 -2.18
C LYS B 215 -7.56 -4.79 -2.50
N ASP B 216 -8.25 -5.66 -3.23
CA ASP B 216 -7.83 -7.04 -3.58
C ASP B 216 -8.03 -7.30 -5.07
N HIS B 217 -7.59 -6.37 -5.91
CA HIS B 217 -7.54 -6.52 -7.38
C HIS B 217 -8.92 -6.80 -7.98
N GLY B 218 -10.00 -6.44 -7.31
CA GLY B 218 -11.36 -6.68 -7.82
C GLY B 218 -11.86 -8.09 -7.56
N LYS B 219 -11.22 -8.86 -6.69
CA LYS B 219 -11.80 -10.14 -6.23
C LYS B 219 -13.17 -9.84 -5.63
N SER B 220 -14.20 -10.50 -6.15
CA SER B 220 -15.54 -10.41 -5.57
C SER B 220 -15.59 -11.27 -4.30
N TYR B 221 -16.04 -10.72 -3.18
CA TYR B 221 -16.24 -11.52 -1.96
C TYR B 221 -17.18 -12.68 -2.27
N ALA B 222 -18.24 -12.40 -3.01
CA ALA B 222 -19.21 -13.45 -3.40
C ALA B 222 -18.52 -14.54 -4.23
N ALA B 223 -17.67 -14.19 -5.20
CA ALA B 223 -16.93 -15.21 -5.99
C ALA B 223 -16.02 -16.04 -5.08
N VAL B 224 -15.33 -15.41 -4.13
CA VAL B 224 -14.35 -16.13 -3.29
C VAL B 224 -15.08 -17.04 -2.30
N TYR B 225 -16.09 -16.53 -1.60
CA TYR B 225 -16.64 -17.18 -0.38
C TYR B 225 -18.06 -17.70 -0.58
N GLU B 226 -18.80 -17.25 -1.59
CA GLU B 226 -20.26 -17.49 -1.66
C GLU B 226 -20.61 -18.25 -2.95
N THR B 227 -19.63 -18.93 -3.53
CA THR B 227 -19.69 -19.59 -4.87
C THR B 227 -19.01 -20.95 -4.76
N ASP B 228 -19.60 -21.99 -5.32
CA ASP B 228 -18.98 -23.34 -5.43
C ASP B 228 -18.06 -23.38 -6.66
N HIS B 229 -16.80 -23.78 -6.47
CA HIS B 229 -15.72 -23.75 -7.50
C HIS B 229 -15.31 -25.17 -7.90
N ALA B 230 -15.27 -25.46 -9.21
CA ALA B 230 -14.58 -26.63 -9.80
C ALA B 230 -13.11 -26.62 -9.37
N PRO B 231 -12.42 -27.78 -9.30
CA PRO B 231 -10.97 -27.80 -9.15
C PRO B 231 -10.29 -26.96 -10.25
N GLY B 232 -9.04 -26.58 -10.02
CA GLY B 232 -8.23 -25.79 -10.97
C GLY B 232 -8.49 -24.30 -10.82
N TYR B 233 -8.09 -23.54 -11.84
CA TYR B 233 -8.09 -22.05 -11.83
C TYR B 233 -9.47 -21.51 -11.43
N ARG B 234 -9.52 -20.58 -10.48
CA ARG B 234 -10.79 -19.91 -10.09
C ARG B 234 -10.84 -18.50 -10.70
N TRP B 235 -11.96 -18.14 -11.30
CA TRP B 235 -12.23 -16.79 -11.90
C TRP B 235 -12.90 -15.88 -10.85
N LEU B 236 -12.16 -14.93 -10.31
CA LEU B 236 -12.55 -14.18 -9.09
C LEU B 236 -12.67 -12.69 -9.37
N HIS B 237 -11.99 -12.17 -10.41
CA HIS B 237 -11.84 -10.70 -10.59
C HIS B 237 -13.02 -10.16 -11.41
N GLU B 238 -14.10 -9.76 -10.74
CA GLU B 238 -15.35 -9.37 -11.42
C GLU B 238 -15.42 -7.86 -11.63
N SER B 239 -14.40 -7.14 -11.17
CA SER B 239 -14.24 -5.69 -11.33
C SER B 239 -12.76 -5.39 -11.24
N PHE B 240 -12.37 -4.18 -11.54
CA PHE B 240 -10.96 -3.77 -11.43
C PHE B 240 -10.68 -3.29 -10.01
N GLY B 241 -9.48 -3.61 -9.54
CA GLY B 241 -9.00 -3.12 -8.25
C GLY B 241 -7.50 -3.15 -8.21
N THR B 242 -6.97 -3.08 -7.01
CA THR B 242 -5.54 -2.84 -6.79
C THR B 242 -5.09 -3.62 -5.55
N ASN B 243 -3.85 -3.43 -5.11
CA ASN B 243 -3.34 -4.09 -3.89
C ASN B 243 -3.15 -3.02 -2.82
N TRP B 244 -4.12 -2.90 -1.92
CA TRP B 244 -4.06 -1.94 -0.79
C TRP B 244 -4.11 -2.73 0.51
N ARG B 245 -3.53 -3.95 0.52
CA ARG B 245 -3.63 -4.84 1.68
C ARG B 245 -2.63 -4.48 2.79
N MET B 246 -2.96 -4.96 3.98
CA MET B 246 -2.10 -5.02 5.19
C MET B 246 -1.41 -6.38 5.26
N THR B 247 -0.24 -6.47 5.88
CA THR B 247 0.43 -7.75 6.21
C THR B 247 -0.12 -8.34 7.52
N GLU B 248 0.12 -9.62 7.72
CA GLU B 248 -0.21 -10.32 8.98
C GLU B 248 0.58 -9.72 10.14
N MET B 249 1.84 -9.37 9.97
CA MET B 249 2.64 -8.82 11.08
C MET B 249 2.03 -7.49 11.54
N GLN B 250 1.57 -6.65 10.62
CA GLN B 250 0.90 -5.38 11.02
C GLN B 250 -0.39 -5.72 11.78
N ALA B 251 -1.15 -6.70 11.32
CA ALA B 251 -2.45 -7.01 11.91
C ALA B 251 -2.28 -7.53 13.34
N VAL B 252 -1.29 -8.37 13.61
CA VAL B 252 -1.18 -8.91 14.99
C VAL B 252 -0.88 -7.76 15.96
N LEU B 253 -0.11 -6.76 15.55
CA LEU B 253 0.12 -5.56 16.39
C LEU B 253 -1.20 -4.84 16.63
N GLY B 254 -2.02 -4.69 15.59
CA GLY B 254 -3.33 -4.03 15.74
C GLY B 254 -4.17 -4.75 16.76
N ARG B 255 -4.21 -6.07 16.66
CA ARG B 255 -5.03 -6.87 17.59
C ARG B 255 -4.57 -6.67 19.03
N ILE B 256 -3.26 -6.70 19.25
CA ILE B 256 -2.68 -6.47 20.60
C ILE B 256 -3.14 -5.08 21.07
N GLN B 257 -3.00 -4.06 20.23
CA GLN B 257 -3.20 -2.67 20.67
C GLN B 257 -4.69 -2.42 20.94
N LEU B 258 -5.60 -3.05 20.24
CA LEU B 258 -7.04 -2.90 20.55
C LEU B 258 -7.28 -3.21 22.02
N LYS B 259 -6.65 -4.24 22.54
CA LYS B 259 -6.86 -4.65 23.95
C LYS B 259 -6.25 -3.60 24.90
N ARG B 260 -5.31 -2.80 24.44
CA ARG B 260 -4.65 -1.75 25.25
C ARG B 260 -5.42 -0.43 25.18
N MET B 261 -6.36 -0.29 24.26
CA MET B 261 -6.94 1.05 23.98
C MET B 261 -7.60 1.64 25.22
N PRO B 262 -8.31 0.90 26.10
CA PRO B 262 -8.84 1.58 27.28
C PRO B 262 -7.74 2.22 28.13
N ASP B 263 -6.66 1.50 28.33
CA ASP B 263 -5.49 1.97 29.09
C ASP B 263 -4.89 3.18 28.37
N TRP B 264 -4.70 3.07 27.05
CA TRP B 264 -4.00 4.12 26.28
C TRP B 264 -4.84 5.39 26.28
N THR B 265 -6.14 5.27 26.07
CA THR B 265 -7.02 6.45 26.11
C THR B 265 -6.98 7.04 27.53
N ALA B 266 -7.04 6.21 28.55
CA ALA B 266 -7.05 6.74 29.94
C ALA B 266 -5.77 7.51 30.21
N LYS B 267 -4.62 6.99 29.77
CA LYS B 267 -3.32 7.65 30.04
C LYS B 267 -3.22 8.96 29.24
N ARG B 268 -3.59 8.94 27.96
CA ARG B 268 -3.59 10.18 27.15
C ARG B 268 -4.48 11.22 27.83
N THR B 269 -5.66 10.82 28.24
CA THR B 269 -6.66 11.72 28.88
C THR B 269 -6.07 12.32 30.16
N ALA B 270 -5.42 11.51 31.00
CA ALA B 270 -4.85 11.99 32.27
C ALA B 270 -3.72 12.98 31.98
N ASN B 271 -2.88 12.66 31.00
CA ASN B 271 -1.76 13.56 30.62
C ASN B 271 -2.34 14.88 30.12
N ALA B 272 -3.35 14.81 29.26
CA ALA B 272 -3.97 16.02 28.68
C ALA B 272 -4.57 16.87 29.80
N GLN B 273 -5.28 16.25 30.74
CA GLN B 273 -6.00 17.07 31.74
CA GLN B 273 -5.99 16.99 31.82
C GLN B 273 -4.97 17.75 32.66
N THR B 274 -3.86 17.11 32.98
CA THR B 274 -2.80 17.75 33.78
C THR B 274 -2.28 18.99 33.05
N ILE B 275 -2.03 18.88 31.76
CA ILE B 275 -1.50 20.03 30.97
C ILE B 275 -2.59 21.10 30.84
N LEU B 276 -3.81 20.75 30.48
CA LEU B 276 -4.88 21.76 30.34
C LEU B 276 -5.08 22.47 31.68
N ASP B 277 -5.03 21.74 32.78
CA ASP B 277 -5.23 22.35 34.12
C ASP B 277 -4.15 23.41 34.35
N ALA B 278 -2.90 23.13 33.99
CA ALA B 278 -1.78 24.06 34.23
C ALA B 278 -1.91 25.30 33.34
N CYS B 279 -2.50 25.14 32.16
CA CYS B 279 -2.68 26.24 31.20
C CYS B 279 -3.79 27.20 31.66
N ALA B 280 -4.70 26.76 32.52
CA ALA B 280 -5.88 27.57 32.91
C ALA B 280 -5.44 28.91 33.50
N LYS B 281 -4.45 28.94 34.37
CA LYS B 281 -4.03 30.22 35.02
C LYS B 281 -3.62 31.21 33.93
N TRP B 282 -3.02 30.74 32.84
CA TRP B 282 -2.52 31.64 31.77
C TRP B 282 -3.66 32.03 30.82
N GLU B 283 -4.71 31.24 30.75
CA GLU B 283 -5.97 31.66 30.12
C GLU B 283 -6.58 32.80 30.96
N ALA B 284 -6.65 32.65 32.28
CA ALA B 284 -7.19 33.69 33.18
C ALA B 284 -6.43 35.00 32.97
N LYS B 285 -5.13 34.94 32.70
CA LYS B 285 -4.29 36.15 32.53
CA LYS B 285 -4.30 36.17 32.54
C LYS B 285 -4.34 36.65 31.08
N GLY B 286 -5.02 35.93 30.17
CA GLY B 286 -5.29 36.40 28.81
C GLY B 286 -4.28 35.95 27.77
N TYR B 287 -3.32 35.10 28.10
CA TYR B 287 -2.23 34.72 27.15
C TYR B 287 -2.60 33.47 26.35
N LEU B 288 -3.50 32.65 26.87
CA LEU B 288 -3.90 31.36 26.22
C LEU B 288 -5.40 31.31 26.10
N SER B 289 -5.84 30.57 25.11
CA SER B 289 -7.21 30.03 25.03
CA SER B 289 -7.21 30.02 25.02
C SER B 289 -7.11 28.50 25.17
N VAL B 290 -7.88 27.92 26.08
CA VAL B 290 -7.73 26.50 26.46
C VAL B 290 -9.08 25.82 26.31
N PRO B 291 -9.53 25.54 25.07
CA PRO B 291 -10.77 24.81 24.88
C PRO B 291 -10.67 23.38 25.46
N ARG B 292 -11.69 22.95 26.16
CA ARG B 292 -11.69 21.61 26.81
C ARG B 292 -12.98 20.90 26.44
N LEU B 293 -12.86 19.77 25.76
CA LEU B 293 -14.05 19.09 25.23
C LEU B 293 -15.01 18.74 26.39
N GLU B 294 -14.47 18.34 27.53
CA GLU B 294 -15.26 17.81 28.66
C GLU B 294 -16.05 18.95 29.31
N GLU B 295 -15.70 20.21 29.00
CA GLU B 295 -16.38 21.41 29.57
C GLU B 295 -17.27 22.05 28.51
N SER B 296 -17.37 21.44 27.34
CA SER B 296 -18.16 21.96 26.19
C SER B 296 -19.62 21.49 26.31
N VAL B 297 -20.56 22.42 26.26
CA VAL B 297 -22.03 22.18 26.17
C VAL B 297 -22.32 21.24 24.99
N GLN B 298 -21.71 21.49 23.82
CA GLN B 298 -22.04 20.82 22.54
C GLN B 298 -21.43 19.41 22.46
N PHE B 299 -20.42 19.09 23.27
CA PHE B 299 -19.71 17.78 23.20
C PHE B 299 -19.89 17.04 24.51
N ALA B 300 -21.05 17.24 25.15
CA ALA B 300 -21.60 16.37 26.20
C ALA B 300 -21.74 14.95 25.67
N ASP B 301 -21.33 13.97 26.49
CA ASP B 301 -21.48 12.53 26.19
C ASP B 301 -20.52 12.20 25.04
N SER B 302 -19.56 13.08 24.73
CA SER B 302 -18.50 12.78 23.73
C SER B 302 -17.16 12.65 24.44
N THR B 303 -16.17 12.04 23.78
CA THR B 303 -14.83 11.93 24.37
C THR B 303 -13.76 12.21 23.32
N HIS B 304 -12.69 12.82 23.79
CA HIS B 304 -11.52 13.21 22.98
C HIS B 304 -10.54 12.05 22.98
N ALA B 305 -9.96 11.74 21.84
CA ALA B 305 -8.97 10.66 21.75
C ALA B 305 -7.61 11.12 22.26
N TYR B 306 -7.34 12.41 22.22
CA TYR B 306 -6.04 12.98 22.64
C TYR B 306 -4.88 12.30 21.90
N TYR B 307 -4.92 12.38 20.58
CA TYR B 307 -3.70 12.13 19.77
C TYR B 307 -2.62 13.12 20.16
N LYS B 308 -2.96 14.40 20.16
CA LYS B 308 -2.05 15.51 20.52
C LYS B 308 -2.88 16.52 21.30
N LEU B 309 -2.24 17.36 22.10
CA LEU B 309 -2.90 18.34 22.99
C LEU B 309 -2.64 19.75 22.47
N TYR B 310 -3.69 20.41 22.05
CA TYR B 310 -3.62 21.81 21.58
C TYR B 310 -4.13 22.78 22.64
N VAL B 311 -3.39 23.87 22.79
CA VAL B 311 -3.91 25.15 23.29
C VAL B 311 -3.51 26.24 22.29
N TYR B 312 -3.97 27.48 22.52
CA TYR B 312 -3.83 28.54 21.50
C TYR B 312 -3.41 29.82 22.17
N VAL B 313 -2.36 30.48 21.66
CA VAL B 313 -1.97 31.80 22.21
C VAL B 313 -3.08 32.79 21.86
N GLN B 314 -3.30 33.75 22.74
CA GLN B 314 -4.04 35.00 22.40
C GLN B 314 -3.00 36.03 21.93
N SER B 315 -2.75 36.08 20.63
CA SER B 315 -1.63 36.87 20.05
CA SER B 315 -1.60 36.86 20.08
C SER B 315 -1.74 38.34 20.48
N ASP B 316 -2.96 38.85 20.53
CA ASP B 316 -3.22 40.28 20.84
C ASP B 316 -2.71 40.62 22.24
N ASN B 317 -2.63 39.65 23.15
CA ASN B 317 -2.29 39.92 24.57
C ASN B 317 -0.83 39.59 24.85
N LEU B 318 -0.06 39.07 23.89
CA LEU B 318 1.37 38.84 24.13
C LEU B 318 2.11 40.18 24.03
N PRO B 319 3.12 40.38 24.90
CA PRO B 319 4.04 41.50 24.71
C PRO B 319 4.65 41.44 23.30
N LYS B 320 5.09 42.59 22.80
CA LYS B 320 5.67 42.73 21.44
C LYS B 320 6.89 41.80 21.26
N GLU B 321 7.65 41.57 22.32
CA GLU B 321 8.92 40.80 22.27
C GLU B 321 8.60 39.29 22.32
N TRP B 322 7.33 38.91 22.38
CA TRP B 322 6.90 37.51 22.47
C TRP B 322 6.04 37.16 21.26
N SER B 323 5.92 35.86 20.99
CA SER B 323 5.14 35.31 19.87
C SER B 323 4.92 33.82 20.13
N ARG B 324 3.98 33.23 19.41
CA ARG B 324 3.78 31.76 19.45
C ARG B 324 5.12 31.07 19.17
N ASP B 325 5.84 31.50 18.14
CA ASP B 325 7.08 30.80 17.73
C ASP B 325 8.12 30.95 18.83
N ARG B 326 8.20 32.10 19.49
CA ARG B 326 9.19 32.24 20.58
C ARG B 326 8.80 31.31 21.74
N ILE B 327 7.51 31.18 22.04
CA ILE B 327 7.07 30.25 23.12
C ILE B 327 7.51 28.82 22.76
N ILE B 328 7.33 28.38 21.52
CA ILE B 328 7.79 27.03 21.09
C ILE B 328 9.29 26.90 21.37
N ARG B 329 10.08 27.91 20.97
CA ARG B 329 11.55 27.86 21.14
C ARG B 329 11.89 27.76 22.63
N GLU B 330 11.29 28.60 23.47
CA GLU B 330 11.62 28.66 24.91
C GLU B 330 11.22 27.36 25.61
N ILE B 331 10.07 26.77 25.25
CA ILE B 331 9.67 25.48 25.88
C ILE B 331 10.64 24.38 25.42
N ASN B 332 10.99 24.36 24.12
CA ASN B 332 11.96 23.38 23.58
C ASN B 332 13.31 23.53 24.32
N ASP B 333 13.71 24.76 24.62
CA ASP B 333 15.03 25.04 25.26
C ASP B 333 15.04 24.48 26.68
N LEU B 334 13.87 24.28 27.31
CA LEU B 334 13.77 23.68 28.66
C LEU B 334 13.70 22.15 28.57
N GLY B 335 13.81 21.58 27.37
CA GLY B 335 13.85 20.11 27.17
C GLY B 335 12.47 19.51 26.98
N VAL B 336 11.47 20.34 26.70
CA VAL B 336 10.06 19.88 26.59
C VAL B 336 9.64 19.98 25.13
N PRO B 337 9.12 18.87 24.54
CA PRO B 337 8.63 18.93 23.16
C PRO B 337 7.44 19.91 23.09
N CYS B 338 7.41 20.67 22.01
CA CYS B 338 6.35 21.65 21.74
C CYS B 338 6.40 22.01 20.28
N PHE B 339 5.24 22.06 19.64
CA PHE B 339 5.14 22.20 18.18
C PHE B 339 4.03 23.17 17.81
N SER B 340 4.07 23.66 16.58
CA SER B 340 2.99 24.48 15.99
C SER B 340 1.83 23.60 15.53
N GLY B 341 2.05 22.30 15.37
CA GLY B 341 0.94 21.35 15.13
C GLY B 341 0.59 21.19 13.66
N SER B 342 -0.64 20.76 13.45
CA SER B 342 -1.18 20.43 12.11
C SER B 342 -0.92 21.58 11.15
N ALA B 343 -0.62 21.28 9.91
CA ALA B 343 -0.85 22.26 8.84
C ALA B 343 -2.28 22.78 9.00
N SER B 344 -2.49 24.09 8.84
CA SER B 344 -3.82 24.67 9.05
C SER B 344 -4.40 25.19 7.74
N GLU B 345 -3.57 25.35 6.72
CA GLU B 345 -3.96 25.85 5.39
C GLU B 345 -3.24 24.99 4.35
N VAL B 346 -3.64 23.73 4.26
CA VAL B 346 -2.92 22.78 3.38
C VAL B 346 -2.94 23.31 1.94
N TYR B 347 -3.97 24.07 1.56
CA TYR B 347 -4.11 24.64 0.20
C TYR B 347 -2.96 25.59 -0.14
N LEU B 348 -2.12 26.02 0.81
CA LEU B 348 -0.94 26.84 0.48
C LEU B 348 0.18 25.99 -0.14
N GLU B 349 0.14 24.66 -0.06
CA GLU B 349 1.18 23.82 -0.68
C GLU B 349 1.25 24.13 -2.19
N LYS B 350 2.42 23.99 -2.77
CA LYS B 350 2.63 24.27 -4.21
C LYS B 350 1.85 23.25 -5.07
N ALA B 351 1.48 22.09 -4.53
CA ALA B 351 0.65 21.13 -5.27
C ALA B 351 -0.60 21.83 -5.80
N PHE B 352 -1.10 22.86 -5.10
CA PHE B 352 -2.37 23.53 -5.47
C PHE B 352 -2.13 24.67 -6.47
N ASP B 353 -0.89 25.03 -6.75
CA ASP B 353 -0.55 26.08 -7.77
C ASP B 353 -1.24 25.72 -9.09
N ASN B 354 -1.96 26.67 -9.66
CA ASN B 354 -2.52 26.61 -11.03
C ASN B 354 -3.57 25.50 -11.16
N THR B 355 -4.21 25.08 -10.06
CA THR B 355 -5.23 24.02 -10.09
C THR B 355 -6.63 24.63 -10.06
N GLY B 356 -6.74 25.90 -9.65
CA GLY B 356 -8.04 26.52 -9.33
C GLY B 356 -8.66 25.96 -8.05
N LEU B 357 -7.92 25.17 -7.26
CA LEU B 357 -8.48 24.56 -6.02
C LEU B 357 -8.23 25.44 -4.79
N ARG B 358 -7.26 26.34 -4.85
CA ARG B 358 -6.95 27.17 -3.68
C ARG B 358 -8.11 28.14 -3.48
N PRO B 359 -8.67 28.28 -2.26
CA PRO B 359 -9.67 29.30 -2.00
C PRO B 359 -9.11 30.68 -2.41
N GLU B 360 -10.00 31.51 -2.95
CA GLU B 360 -9.61 32.84 -3.48
C GLU B 360 -9.30 33.79 -2.31
N ASN B 361 -9.82 33.48 -1.13
CA ASN B 361 -9.50 34.20 0.12
C ASN B 361 -9.10 33.16 1.16
N ARG B 362 -8.05 33.44 1.91
CA ARG B 362 -7.59 32.54 2.98
C ARG B 362 -8.72 32.39 3.98
N LEU B 363 -8.93 31.18 4.47
N LEU B 363 -8.93 31.17 4.46
CA LEU B 363 -9.98 30.87 5.45
CA LEU B 363 -9.97 30.85 5.45
C LEU B 363 -9.53 31.38 6.81
C LEU B 363 -9.52 31.39 6.81
N PRO B 364 -10.25 32.36 7.38
CA PRO B 364 -9.73 33.14 8.50
C PRO B 364 -9.51 32.35 9.80
N VAL B 365 -10.39 31.44 10.14
CA VAL B 365 -10.21 30.68 11.41
C VAL B 365 -9.04 29.72 11.21
N ALA B 366 -8.99 29.03 10.09
CA ALA B 366 -7.88 28.10 9.78
C ALA B 366 -6.56 28.88 9.83
N LYS B 367 -6.52 30.07 9.23
CA LYS B 367 -5.28 30.87 9.22
C LYS B 367 -4.90 31.22 10.66
N GLN B 368 -5.87 31.69 11.45
CA GLN B 368 -5.61 32.05 12.86
C GLN B 368 -5.05 30.86 13.64
N LEU B 369 -5.67 29.67 13.53
CA LEU B 369 -5.20 28.52 14.34
C LEU B 369 -3.79 28.11 13.90
N GLY B 370 -3.43 28.28 12.63
CA GLY B 370 -2.05 27.99 12.21
C GLY B 370 -1.08 28.88 12.96
N GLU B 371 -1.47 30.13 13.19
CA GLU B 371 -0.62 31.16 13.82
C GLU B 371 -0.60 31.00 15.35
N THR B 372 -1.65 30.44 15.95
CA THR B 372 -1.81 30.49 17.41
C THR B 372 -1.57 29.14 18.11
N SER B 373 -1.60 28.04 17.37
CA SER B 373 -1.55 26.69 17.98
C SER B 373 -0.23 26.48 18.72
N LEU B 374 -0.34 25.88 19.90
CA LEU B 374 0.75 25.23 20.64
C LEU B 374 0.33 23.79 20.91
N MET B 375 1.17 22.86 20.50
CA MET B 375 0.82 21.43 20.54
C MET B 375 1.82 20.69 21.41
N PHE B 376 1.28 19.90 22.33
CA PHE B 376 2.06 19.12 23.31
C PHE B 376 1.77 17.62 23.13
N LEU B 377 2.73 16.82 23.56
CA LEU B 377 2.61 15.35 23.53
C LEU B 377 1.97 14.83 24.82
N VAL B 378 1.15 13.79 24.67
CA VAL B 378 0.37 13.19 25.79
C VAL B 378 0.38 11.66 25.69
N HIS B 379 1.26 11.07 24.89
CA HIS B 379 1.21 9.61 24.60
C HIS B 379 1.45 8.79 25.87
N PRO B 380 1.00 7.52 25.87
CA PRO B 380 0.87 6.78 27.12
C PRO B 380 2.16 6.44 27.86
N THR B 381 3.32 6.47 27.21
CA THR B 381 4.61 6.11 27.86
C THR B 381 5.15 7.31 28.64
N LEU B 382 4.58 8.50 28.50
CA LEU B 382 5.13 9.68 29.22
C LEU B 382 5.02 9.45 30.73
N THR B 383 6.09 9.70 31.44
CA THR B 383 6.15 9.49 32.90
C THR B 383 5.49 10.67 33.63
N GLU B 384 5.13 10.46 34.88
CA GLU B 384 4.70 11.55 35.78
C GLU B 384 5.72 12.70 35.73
N ASP B 385 7.02 12.40 35.79
CA ASP B 385 8.09 13.42 35.79
C ASP B 385 8.08 14.20 34.46
N GLU B 386 7.86 13.53 33.33
CA GLU B 386 7.85 14.21 32.01
C GLU B 386 6.62 15.15 31.93
N ILE B 387 5.48 14.73 32.44
CA ILE B 387 4.27 15.60 32.46
C ILE B 387 4.55 16.76 33.43
N LYS B 388 5.23 16.49 34.55
CA LYS B 388 5.63 17.58 35.50
C LYS B 388 6.55 18.57 34.78
N GLN B 389 7.53 18.08 34.03
CA GLN B 389 8.46 18.96 33.28
C GLN B 389 7.64 19.82 32.32
N THR B 390 6.63 19.24 31.69
CA THR B 390 5.80 19.94 30.69
C THR B 390 5.11 21.10 31.40
N VAL B 391 4.49 20.83 32.53
CA VAL B 391 3.75 21.83 33.34
C VAL B 391 4.73 22.92 33.79
N GLN B 392 5.91 22.53 34.26
CA GLN B 392 6.90 23.49 34.79
C GLN B 392 7.43 24.38 33.66
N ALA B 393 7.58 23.86 32.45
CA ALA B 393 8.07 24.66 31.30
C ALA B 393 6.99 25.67 30.89
N ILE B 394 5.74 25.23 30.80
CA ILE B 394 4.59 26.14 30.51
C ILE B 394 4.57 27.24 31.58
N ASP B 395 4.57 26.88 32.86
CA ASP B 395 4.51 27.90 33.93
C ASP B 395 5.73 28.82 33.84
N GLY B 396 6.92 28.28 33.58
CA GLY B 396 8.16 29.09 33.52
C GLY B 396 8.09 30.11 32.41
N VAL B 397 7.74 29.67 31.21
CA VAL B 397 7.71 30.55 30.01
C VAL B 397 6.59 31.60 30.19
N PHE B 398 5.39 31.19 30.57
CA PHE B 398 4.28 32.17 30.67
C PHE B 398 4.50 33.10 31.88
N ALA B 399 5.14 32.67 32.97
CA ALA B 399 5.53 33.59 34.07
C ALA B 399 6.53 34.64 33.54
N ASN B 400 7.40 34.25 32.61
CA ASN B 400 8.36 35.19 31.97
C ASN B 400 7.56 36.19 31.14
N ILE B 401 6.59 35.73 30.36
CA ILE B 401 5.67 36.62 29.59
C ILE B 401 4.96 37.58 30.53
N HIS B 402 4.42 37.07 31.63
CA HIS B 402 3.55 37.83 32.58
C HIS B 402 4.38 38.91 33.29
N ASN B 403 5.68 38.69 33.50
CA ASN B 403 6.62 39.74 34.00
C ASN B 403 7.38 40.33 32.81
#